data_3PWK
#
_entry.id   3PWK
#
_cell.length_a   59.872
_cell.length_b   99.660
_cell.length_c   64.436
_cell.angle_alpha   90.00
_cell.angle_beta   100.91
_cell.angle_gamma   90.00
#
_symmetry.space_group_name_H-M   'P 1 21 1'
#
loop_
_entity.id
_entity.type
_entity.pdbx_description
1 polymer 'Aspartate-semialdehyde dehydrogenase'
2 non-polymer "5'-O-MONOPHOSPHORYLADENYLYL(2'->5')ADENYLYL(2'->5')ADENOSINE"
3 non-polymer 'trans-cyclohexane-1,4-dicarboxylic acid'
4 non-polymer 1,2-ETHANEDIOL
5 non-polymer 'SODIUM ION'
6 water water
#
_entity_poly.entity_id   1
_entity_poly.type   'polypeptide(L)'
_entity_poly.pdbx_seq_one_letter_code
;MGYTVAVVGATGAVGAQMIKMLEESTLPIDKIRYLASARSAGKSLKFKDQDITIEETTETAFEGVDIALFSAGSSTSAKY
APYAVKAGVVVVDNTSYFRQNPDVPLVVPEVNAHALDAHNGIIACPNCSTIQMMVALEPVRQKWGLDRIIVSTYQAVSGA
GMGAILETQRELREVLNDGVKPCDLHAEILPSGGDKKHYPIAFNALPQIDVFTDNDYTYEEMKMTKETKKIMEDDSIAVS
ATCVRIPVLSAHSESVYIETKEVAPIEEVKAAIAAFPGAVLEDDVAHQIYPQAINAVGSRDTFVGRIRKDLDAEKGIHMW
VVSDNLLKGAAWNSVQIAETLHERGLVRPTAELKFELKLEHHHHHH
;
_entity_poly.pdbx_strand_id   A,B
#
loop_
_chem_comp.id
_chem_comp.type
_chem_comp.name
_chem_comp.formula
25A non-polymer 5'-O-MONOPHOSPHORYLADENYLYL(2'->5')ADENYLYL(2'->5')ADENOSINE 'C30 H38 N15 O19 P3'
EDO non-polymer 1,2-ETHANEDIOL 'C2 H6 O2'
L14 non-polymer 'trans-cyclohexane-1,4-dicarboxylic acid' 'C8 H12 O4'
NA non-polymer 'SODIUM ION' 'Na 1'
#
# COMPACT_ATOMS: atom_id res chain seq x y z
N GLY A 2 -16.22 33.01 -27.14
CA GLY A 2 -16.10 31.79 -26.30
C GLY A 2 -16.20 30.50 -27.09
N TYR A 3 -16.01 29.40 -26.38
CA TYR A 3 -15.93 28.07 -26.97
C TYR A 3 -17.20 27.27 -26.78
N THR A 4 -17.47 26.38 -27.74
CA THR A 4 -18.33 25.23 -27.52
C THR A 4 -17.49 24.09 -26.99
N VAL A 5 -17.83 23.62 -25.80
CA VAL A 5 -17.10 22.51 -25.16
C VAL A 5 -18.02 21.30 -24.99
N ALA A 6 -17.54 20.12 -25.40
CA ALA A 6 -18.27 18.86 -25.20
C ALA A 6 -17.55 17.99 -24.17
N VAL A 7 -18.32 17.41 -23.26
CA VAL A 7 -17.78 16.42 -22.31
C VAL A 7 -18.34 15.07 -22.74
N VAL A 8 -17.47 14.18 -23.20
CA VAL A 8 -17.85 12.83 -23.65
C VAL A 8 -17.57 11.87 -22.51
N GLY A 9 -18.63 11.22 -22.02
CA GLY A 9 -18.57 10.46 -20.78
C GLY A 9 -19.04 11.30 -19.60
N ALA A 10 -20.03 12.16 -19.81
CA ALA A 10 -20.42 13.13 -18.79
C ALA A 10 -21.00 12.50 -17.53
N THR A 11 -21.54 11.29 -17.67
CA THR A 11 -22.26 10.61 -16.61
C THR A 11 -21.36 9.76 -15.70
N GLY A 12 -20.08 9.59 -16.09
CA GLY A 12 -19.16 8.70 -15.38
C GLY A 12 -18.49 9.38 -14.21
N ALA A 13 -17.62 8.64 -13.52
CA ALA A 13 -16.92 9.19 -12.36
C ALA A 13 -15.99 10.35 -12.76
N VAL A 14 -15.18 10.16 -13.80
CA VAL A 14 -14.34 11.26 -14.29
C VAL A 14 -15.21 12.38 -14.88
N GLY A 15 -16.25 12.01 -15.65
CA GLY A 15 -17.14 13.01 -16.26
C GLY A 15 -17.75 13.96 -15.26
N ALA A 16 -18.17 13.43 -14.10
CA ALA A 16 -18.77 14.27 -13.06
C ALA A 16 -17.74 15.29 -12.55
N GLN A 17 -16.49 14.86 -12.43
CA GLN A 17 -15.44 15.80 -12.04
C GLN A 17 -15.04 16.74 -13.16
N MET A 18 -15.18 16.29 -14.42
CA MET A 18 -14.92 17.19 -15.53
CA MET A 18 -14.94 17.17 -15.56
C MET A 18 -15.94 18.34 -15.52
N ILE A 19 -17.19 18.02 -15.23
CA ILE A 19 -18.24 19.04 -15.09
C ILE A 19 -17.84 20.02 -13.99
N LYS A 20 -17.46 19.52 -12.81
CA LYS A 20 -17.08 20.40 -11.70
C LYS A 20 -15.88 21.27 -12.06
N MET A 21 -14.88 20.66 -12.69
CA MET A 21 -13.69 21.43 -13.05
C MET A 21 -14.00 22.49 -14.12
N LEU A 22 -14.92 22.19 -15.04
CA LEU A 22 -15.32 23.17 -16.04
C LEU A 22 -16.16 24.29 -15.40
N GLU A 23 -17.04 23.93 -14.46
CA GLU A 23 -17.81 24.93 -13.75
C GLU A 23 -16.88 25.90 -13.03
N GLU A 24 -15.74 25.40 -12.57
CA GLU A 24 -14.79 26.19 -11.79
C GLU A 24 -13.67 26.78 -12.64
N SER A 25 -13.76 26.57 -13.96
CA SER A 25 -12.71 27.00 -14.91
C SER A 25 -12.84 28.45 -15.30
N THR A 26 -11.73 29.02 -15.75
CA THR A 26 -11.74 30.34 -16.38
C THR A 26 -12.08 30.27 -17.87
N LEU A 27 -12.14 29.07 -18.46
CA LEU A 27 -12.38 28.99 -19.92
C LEU A 27 -13.62 29.75 -20.32
N PRO A 28 -13.53 30.53 -21.41
CA PRO A 28 -14.73 31.24 -21.87
C PRO A 28 -15.60 30.26 -22.63
N ILE A 29 -16.66 29.78 -21.99
CA ILE A 29 -17.52 28.77 -22.59
C ILE A 29 -18.86 29.41 -22.95
N ASP A 30 -19.17 29.41 -24.24
CA ASP A 30 -20.45 29.93 -24.75
C ASP A 30 -21.52 28.87 -24.79
N LYS A 31 -21.10 27.61 -24.98
CA LYS A 31 -22.01 26.48 -25.09
C LYS A 31 -21.37 25.24 -24.53
N ILE A 32 -22.13 24.54 -23.70
CA ILE A 32 -21.67 23.27 -23.12
C ILE A 32 -22.58 22.14 -23.59
N ARG A 33 -21.95 21.03 -23.97
CA ARG A 33 -22.69 19.84 -24.38
C ARG A 33 -22.21 18.63 -23.59
N TYR A 34 -23.17 17.77 -23.20
CA TYR A 34 -22.86 16.56 -22.46
C TYR A 34 -23.18 15.37 -23.33
N LEU A 35 -22.19 14.51 -23.53
CA LEU A 35 -22.33 13.34 -24.39
C LEU A 35 -22.02 12.08 -23.61
N ALA A 36 -22.79 11.01 -23.88
CA ALA A 36 -22.53 9.71 -23.29
C ALA A 36 -23.06 8.65 -24.24
N SER A 37 -23.52 7.51 -23.72
CA SER A 37 -24.03 6.44 -24.58
C SER A 37 -25.53 6.62 -24.81
N ALA A 38 -26.05 5.83 -25.75
CA ALA A 38 -27.49 5.84 -26.09
C ALA A 38 -28.43 5.75 -24.88
N ARG A 39 -28.03 5.00 -23.85
CA ARG A 39 -28.89 4.80 -22.67
C ARG A 39 -28.94 6.03 -21.76
N SER A 40 -28.04 6.98 -21.97
CA SER A 40 -28.05 8.24 -21.23
C SER A 40 -28.73 9.38 -21.97
N ALA A 41 -28.93 9.23 -23.29
CA ALA A 41 -29.48 10.33 -24.10
C ALA A 41 -30.87 10.74 -23.61
N GLY A 42 -31.08 12.05 -23.50
CA GLY A 42 -32.37 12.60 -23.06
C GLY A 42 -32.47 12.89 -21.58
N LYS A 43 -31.57 12.31 -20.79
CA LYS A 43 -31.45 12.66 -19.38
C LYS A 43 -30.86 14.06 -19.25
N SER A 44 -30.97 14.63 -18.05
CA SER A 44 -30.53 15.99 -17.78
C SER A 44 -29.52 16.04 -16.64
N LEU A 45 -28.45 16.81 -16.84
CA LEU A 45 -27.45 17.11 -15.82
C LEU A 45 -27.23 18.61 -15.75
N LYS A 46 -26.87 19.11 -14.58
CA LYS A 46 -26.61 20.54 -14.42
C LYS A 46 -25.25 20.98 -14.99
N PHE A 47 -25.23 22.17 -15.58
CA PHE A 47 -24.00 22.96 -15.68
C PHE A 47 -24.27 24.26 -14.95
N LYS A 48 -23.64 24.42 -13.79
CA LYS A 48 -24.02 25.48 -12.85
C LYS A 48 -25.53 25.38 -12.61
N ASP A 49 -26.26 26.43 -12.98
CA ASP A 49 -27.73 26.49 -12.81
C ASP A 49 -28.51 25.99 -14.03
N GLN A 50 -27.80 25.73 -15.12
CA GLN A 50 -28.45 25.40 -16.40
C GLN A 50 -28.69 23.91 -16.54
N ASP A 51 -29.82 23.56 -17.13
CA ASP A 51 -30.13 22.17 -17.44
C ASP A 51 -29.58 21.78 -18.81
N ILE A 52 -28.71 20.78 -18.82
CA ILE A 52 -28.13 20.28 -20.06
C ILE A 52 -28.66 18.89 -20.38
N THR A 53 -29.20 18.74 -21.58
CA THR A 53 -29.69 17.44 -22.04
C THR A 53 -28.55 16.60 -22.61
N ILE A 54 -28.38 15.39 -22.08
CA ILE A 54 -27.32 14.48 -22.51
C ILE A 54 -27.61 13.96 -23.90
N GLU A 55 -26.57 13.90 -24.72
CA GLU A 55 -26.70 13.46 -26.11
C GLU A 55 -25.93 12.16 -26.32
N GLU A 56 -26.41 11.32 -27.25
CA GLU A 56 -25.65 10.13 -27.64
C GLU A 56 -24.40 10.52 -28.44
N THR A 57 -23.29 9.87 -28.13
CA THR A 57 -22.05 10.07 -28.86
C THR A 57 -22.07 9.32 -30.19
N THR A 58 -21.93 10.06 -31.29
CA THR A 58 -21.92 9.49 -32.64
C THR A 58 -20.84 10.17 -33.47
N GLU A 59 -20.58 9.62 -34.66
CA GLU A 59 -19.56 10.14 -35.57
C GLU A 59 -19.94 11.51 -36.11
N THR A 60 -21.21 11.87 -36.00
CA THR A 60 -21.68 13.17 -36.50
C THR A 60 -22.03 14.19 -35.41
N ALA A 61 -21.70 13.88 -34.14
CA ALA A 61 -22.12 14.69 -33.00
C ALA A 61 -21.24 15.90 -32.70
N PHE A 62 -20.17 16.09 -33.48
CA PHE A 62 -19.11 17.02 -33.07
C PHE A 62 -19.01 18.29 -33.91
N GLU A 63 -19.98 18.49 -34.81
CA GLU A 63 -19.98 19.69 -35.64
C GLU A 63 -20.14 20.92 -34.72
N GLY A 64 -19.26 21.89 -34.89
CA GLY A 64 -19.33 23.15 -34.16
C GLY A 64 -18.65 23.15 -32.80
N VAL A 65 -18.11 22.00 -32.40
CA VAL A 65 -17.42 21.87 -31.12
C VAL A 65 -15.98 22.39 -31.26
N ASP A 66 -15.54 23.21 -30.30
CA ASP A 66 -14.16 23.70 -30.30
C ASP A 66 -13.24 22.77 -29.52
N ILE A 67 -13.71 22.31 -28.37
CA ILE A 67 -12.91 21.45 -27.48
C ILE A 67 -13.78 20.32 -27.01
N ALA A 68 -13.27 19.08 -27.08
CA ALA A 68 -13.99 17.93 -26.53
C ALA A 68 -13.09 17.23 -25.53
N LEU A 69 -13.64 16.98 -24.34
CA LEU A 69 -12.93 16.29 -23.28
C LEU A 69 -13.51 14.87 -23.22
N PHE A 70 -12.69 13.88 -23.55
CA PHE A 70 -13.14 12.48 -23.59
C PHE A 70 -12.75 11.72 -22.31
N SER A 71 -13.74 11.14 -21.63
CA SER A 71 -13.45 10.14 -20.61
C SER A 71 -14.57 9.14 -20.58
N ALA A 72 -14.62 8.34 -21.63
CA ALA A 72 -15.71 7.41 -21.83
C ALA A 72 -15.16 6.04 -22.23
N GLY A 73 -13.91 5.77 -21.88
CA GLY A 73 -13.29 4.47 -22.19
C GLY A 73 -12.52 4.49 -23.50
N SER A 74 -11.48 3.67 -23.60
CA SER A 74 -10.59 3.72 -24.76
C SER A 74 -11.34 3.42 -26.06
N SER A 75 -12.30 2.51 -26.00
CA SER A 75 -13.11 2.19 -27.17
C SER A 75 -13.82 3.40 -27.76
N THR A 76 -14.33 4.27 -26.89
CA THR A 76 -15.12 5.40 -27.31
C THR A 76 -14.21 6.46 -27.93
N SER A 77 -13.02 6.63 -27.37
CA SER A 77 -12.05 7.57 -27.94
C SER A 77 -11.56 7.08 -29.30
N ALA A 78 -11.27 5.78 -29.40
CA ALA A 78 -10.81 5.18 -30.65
C ALA A 78 -11.85 5.38 -31.76
N LYS A 79 -13.12 5.22 -31.40
CA LYS A 79 -14.21 5.31 -32.38
C LYS A 79 -14.48 6.76 -32.81
N TYR A 80 -14.55 7.67 -31.83
CA TYR A 80 -15.08 9.01 -32.11
C TYR A 80 -14.09 10.17 -32.13
N ALA A 81 -12.96 10.04 -31.42
CA ALA A 81 -12.02 11.15 -31.42
C ALA A 81 -11.52 11.55 -32.83
N PRO A 82 -11.27 10.56 -33.71
CA PRO A 82 -10.84 10.95 -35.05
C PRO A 82 -11.92 11.73 -35.82
N TYR A 83 -13.19 11.40 -35.62
CA TYR A 83 -14.30 12.16 -36.22
C TYR A 83 -14.39 13.57 -35.66
N ALA A 84 -14.15 13.71 -34.36
CA ALA A 84 -14.08 15.02 -33.73
C ALA A 84 -12.98 15.86 -34.40
N VAL A 85 -11.79 15.30 -34.54
CA VAL A 85 -10.66 15.99 -35.19
C VAL A 85 -11.01 16.42 -36.61
N LYS A 86 -11.67 15.52 -37.35
CA LYS A 86 -12.11 15.83 -38.70
C LYS A 86 -13.07 17.02 -38.71
N ALA A 87 -13.91 17.10 -37.68
CA ALA A 87 -14.88 18.19 -37.54
C ALA A 87 -14.26 19.51 -37.10
N GLY A 88 -12.97 19.49 -36.73
CA GLY A 88 -12.26 20.72 -36.36
C GLY A 88 -12.06 20.92 -34.87
N VAL A 89 -12.35 19.88 -34.10
CA VAL A 89 -12.24 19.91 -32.65
C VAL A 89 -10.79 19.71 -32.20
N VAL A 90 -10.43 20.28 -31.04
CA VAL A 90 -9.24 19.82 -30.34
C VAL A 90 -9.73 18.90 -29.21
N VAL A 91 -9.27 17.66 -29.25
CA VAL A 91 -9.65 16.64 -28.27
C VAL A 91 -8.61 16.55 -27.16
N VAL A 92 -9.09 16.54 -25.92
CA VAL A 92 -8.25 16.19 -24.77
C VAL A 92 -8.79 14.85 -24.29
N ASP A 93 -7.95 13.81 -24.38
CA ASP A 93 -8.38 12.43 -24.12
C ASP A 93 -7.80 11.88 -22.82
N ASN A 94 -8.68 11.43 -21.90
CA ASN A 94 -8.23 10.81 -20.65
C ASN A 94 -7.87 9.34 -20.78
N THR A 95 -8.24 8.71 -21.89
CA THR A 95 -8.02 7.26 -22.02
C THR A 95 -6.57 6.94 -22.41
N SER A 96 -6.24 5.66 -22.37
CA SER A 96 -4.90 5.21 -22.72
C SER A 96 -4.69 5.09 -24.23
N TYR A 97 -5.77 5.21 -25.00
CA TYR A 97 -5.74 4.77 -26.40
C TYR A 97 -4.65 5.44 -27.26
N PHE A 98 -4.56 6.76 -27.18
CA PHE A 98 -3.64 7.54 -28.03
C PHE A 98 -2.32 7.91 -27.35
N ARG A 99 -2.11 7.48 -26.10
CA ARG A 99 -0.98 8.00 -25.30
C ARG A 99 0.41 7.75 -25.89
N GLN A 100 0.60 6.63 -26.57
CA GLN A 100 1.90 6.27 -27.10
C GLN A 100 2.01 6.51 -28.62
N ASN A 101 1.03 7.23 -29.17
CA ASN A 101 1.04 7.59 -30.58
C ASN A 101 2.00 8.79 -30.71
N PRO A 102 3.02 8.69 -31.57
CA PRO A 102 4.00 9.78 -31.64
C PRO A 102 3.44 11.10 -32.17
N ASP A 103 2.26 11.04 -32.78
CA ASP A 103 1.56 12.25 -33.27
C ASP A 103 0.73 12.91 -32.15
N VAL A 104 0.76 12.33 -30.95
CA VAL A 104 -0.07 12.79 -29.85
C VAL A 104 0.78 13.21 -28.64
N PRO A 105 0.72 14.51 -28.26
CA PRO A 105 1.37 14.93 -27.02
C PRO A 105 0.73 14.27 -25.80
N LEU A 106 1.57 13.84 -24.86
CA LEU A 106 1.11 13.20 -23.61
C LEU A 106 1.50 14.16 -22.50
N VAL A 107 0.53 14.93 -21.99
CA VAL A 107 0.88 16.15 -21.27
C VAL A 107 0.47 16.23 -19.81
N VAL A 108 1.42 16.66 -18.99
CA VAL A 108 1.17 17.20 -17.66
C VAL A 108 1.62 18.66 -17.75
N PRO A 109 0.70 19.64 -17.69
CA PRO A 109 1.07 21.01 -18.04
C PRO A 109 2.27 21.61 -17.29
N GLU A 110 2.45 21.22 -16.03
CA GLU A 110 3.61 21.75 -15.27
C GLU A 110 4.96 21.21 -15.76
N VAL A 111 4.92 20.10 -16.49
CA VAL A 111 6.14 19.37 -16.86
C VAL A 111 6.47 19.57 -18.35
N ASN A 112 5.49 19.36 -19.23
CA ASN A 112 5.80 19.39 -20.66
C ASN A 112 4.74 20.14 -21.49
N ALA A 113 4.25 21.27 -20.99
CA ALA A 113 3.33 22.10 -21.78
C ALA A 113 3.86 22.42 -23.18
N HIS A 114 5.18 22.54 -23.31
CA HIS A 114 5.81 22.80 -24.62
C HIS A 114 5.35 21.81 -25.70
N ALA A 115 5.04 20.57 -25.31
CA ALA A 115 4.62 19.55 -26.26
C ALA A 115 3.25 19.83 -26.90
N LEU A 116 2.48 20.74 -26.31
CA LEU A 116 1.17 21.07 -26.84
C LEU A 116 1.23 21.80 -28.17
N ASP A 117 2.31 22.57 -28.35
CA ASP A 117 2.40 23.50 -29.49
C ASP A 117 2.24 22.78 -30.83
N ALA A 118 2.82 21.58 -30.93
CA ALA A 118 2.79 20.80 -32.17
C ALA A 118 1.66 19.77 -32.23
N HIS A 119 0.59 19.98 -31.47
CA HIS A 119 -0.50 19.00 -31.48
C HIS A 119 -1.19 18.86 -32.85
N ASN A 120 -1.76 17.68 -33.09
CA ASN A 120 -2.45 17.36 -34.33
C ASN A 120 -3.94 17.10 -34.07
N GLY A 121 -4.47 17.74 -33.04
CA GLY A 121 -5.89 17.65 -32.72
C GLY A 121 -6.27 16.76 -31.55
N ILE A 122 -5.35 15.91 -31.11
CA ILE A 122 -5.56 15.09 -29.92
C ILE A 122 -4.42 15.30 -28.93
N ILE A 123 -4.79 15.62 -27.69
CA ILE A 123 -3.80 15.70 -26.62
C ILE A 123 -4.22 14.64 -25.61
N ALA A 124 -3.30 13.78 -25.22
CA ALA A 124 -3.60 12.73 -24.24
C ALA A 124 -3.20 13.12 -22.84
N CYS A 125 -4.11 12.83 -21.90
CA CYS A 125 -3.84 12.92 -20.48
CA CYS A 125 -3.78 12.89 -20.49
C CYS A 125 -3.20 11.57 -20.09
N PRO A 126 -2.10 11.58 -19.29
CA PRO A 126 -1.54 10.31 -18.79
C PRO A 126 -2.45 9.66 -17.74
N ASN A 127 -2.11 8.45 -17.32
CA ASN A 127 -2.88 7.85 -16.22
C ASN A 127 -2.63 8.57 -14.91
N CYS A 128 -3.57 8.49 -13.98
CA CYS A 128 -3.50 9.16 -12.70
CA CYS A 128 -3.42 9.26 -12.71
C CYS A 128 -2.16 8.92 -11.98
N SER A 129 -1.81 7.62 -11.89
CA SER A 129 -0.68 7.22 -11.11
C SER A 129 0.58 7.89 -11.66
N THR A 130 0.67 7.99 -12.99
CA THR A 130 1.82 8.67 -13.60
C THR A 130 1.80 10.17 -13.35
N ILE A 131 0.65 10.81 -13.52
CA ILE A 131 0.57 12.27 -13.43
C ILE A 131 1.14 12.75 -12.09
N GLN A 132 0.65 12.17 -10.99
CA GLN A 132 1.06 12.69 -9.67
C GLN A 132 2.55 12.45 -9.44
N MET A 133 3.05 11.32 -9.94
CA MET A 133 4.48 11.04 -9.83
C MET A 133 5.32 12.05 -10.62
N MET A 134 4.84 12.46 -11.79
CA MET A 134 5.56 13.45 -12.59
C MET A 134 5.60 14.82 -11.92
N VAL A 135 4.50 15.21 -11.28
CA VAL A 135 4.47 16.51 -10.60
C VAL A 135 5.47 16.50 -9.44
N ALA A 136 5.55 15.38 -8.72
CA ALA A 136 6.49 15.27 -7.61
C ALA A 136 7.93 15.24 -8.07
N LEU A 137 8.20 14.54 -9.17
CA LEU A 137 9.59 14.23 -9.53
C LEU A 137 10.25 15.21 -10.49
N GLU A 138 9.45 15.89 -11.30
CA GLU A 138 10.04 16.84 -12.25
C GLU A 138 10.96 17.89 -11.61
N PRO A 139 10.54 18.52 -10.49
CA PRO A 139 11.45 19.51 -9.90
C PRO A 139 12.76 18.92 -9.41
N VAL A 140 12.74 17.63 -9.06
CA VAL A 140 13.98 16.93 -8.67
C VAL A 140 14.82 16.63 -9.92
N ARG A 141 14.18 16.12 -10.97
CA ARG A 141 14.88 15.87 -12.21
C ARG A 141 15.59 17.12 -12.75
N GLN A 142 14.91 18.28 -12.69
CA GLN A 142 15.46 19.52 -13.23
C GLN A 142 16.80 19.88 -12.60
N LYS A 143 16.95 19.57 -11.31
CA LYS A 143 18.14 20.00 -10.57
C LYS A 143 19.23 18.94 -10.40
N TRP A 144 18.82 17.68 -10.26
CA TRP A 144 19.76 16.60 -9.97
C TRP A 144 19.65 15.40 -10.90
N GLY A 145 18.72 15.46 -11.85
CA GLY A 145 18.53 14.33 -12.79
C GLY A 145 17.84 13.12 -12.16
N LEU A 146 17.41 12.19 -13.01
CA LEU A 146 16.78 10.95 -12.56
C LEU A 146 17.39 9.79 -13.30
N ASP A 147 17.96 8.85 -12.55
CA ASP A 147 18.52 7.63 -13.13
C ASP A 147 17.48 6.51 -13.12
N ARG A 148 16.82 6.32 -11.99
CA ARG A 148 15.80 5.27 -11.90
C ARG A 148 14.70 5.63 -10.92
N ILE A 149 13.56 4.96 -11.08
CA ILE A 149 12.42 5.06 -10.18
C ILE A 149 11.93 3.65 -9.87
N ILE A 150 11.64 3.37 -8.61
CA ILE A 150 10.86 2.17 -8.22
C ILE A 150 9.68 2.70 -7.44
N VAL A 151 8.47 2.33 -7.87
CA VAL A 151 7.27 2.84 -7.23
C VAL A 151 6.31 1.71 -6.87
N SER A 152 5.73 1.79 -5.66
CA SER A 152 4.63 0.90 -5.29
C SER A 152 3.44 1.77 -4.97
N THR A 153 2.30 1.48 -5.61
CA THR A 153 1.15 2.37 -5.48
C THR A 153 0.08 1.80 -4.53
N TYR A 154 -0.79 2.71 -4.10
CA TYR A 154 -1.86 2.43 -3.15
C TYR A 154 -3.07 3.15 -3.76
N GLN A 155 -3.71 2.50 -4.70
CA GLN A 155 -4.65 3.18 -5.61
C GLN A 155 -6.09 3.03 -5.16
N ALA A 156 -6.82 4.14 -5.29
CA ALA A 156 -8.23 4.24 -4.94
C ALA A 156 -9.12 3.58 -6.01
N VAL A 157 -10.30 3.10 -5.58
CA VAL A 157 -11.17 2.36 -6.50
C VAL A 157 -11.90 3.23 -7.51
N SER A 158 -12.00 4.54 -7.25
CA SER A 158 -12.76 5.37 -8.21
C SER A 158 -12.03 5.44 -9.55
N GLY A 159 -10.73 5.09 -9.56
CA GLY A 159 -9.98 5.02 -10.82
C GLY A 159 -10.56 4.00 -11.78
N ALA A 160 -11.29 3.00 -11.25
CA ALA A 160 -11.90 1.96 -12.06
C ALA A 160 -13.35 2.27 -12.44
N GLY A 161 -13.82 3.47 -12.08
CA GLY A 161 -15.14 3.93 -12.50
C GLY A 161 -16.19 3.90 -11.41
N MET A 162 -17.36 4.44 -11.70
CA MET A 162 -18.42 4.54 -10.73
C MET A 162 -18.84 3.18 -10.16
N GLY A 163 -18.89 2.17 -11.01
CA GLY A 163 -19.32 0.83 -10.55
C GLY A 163 -18.40 0.27 -9.48
N ALA A 164 -17.10 0.48 -9.65
CA ALA A 164 -16.11 0.01 -8.67
C ALA A 164 -16.33 0.68 -7.31
N ILE A 165 -16.74 1.95 -7.30
CA ILE A 165 -17.00 2.64 -6.03
C ILE A 165 -18.17 1.95 -5.32
N LEU A 166 -19.25 1.75 -6.05
CA LEU A 166 -20.45 1.10 -5.51
C LEU A 166 -20.14 -0.32 -5.02
N GLU A 167 -19.36 -1.07 -5.79
CA GLU A 167 -18.97 -2.43 -5.41
C GLU A 167 -18.21 -2.42 -4.09
N THR A 168 -17.28 -1.48 -3.95
CA THR A 168 -16.48 -1.36 -2.73
C THR A 168 -17.36 -1.05 -1.51
N GLN A 169 -18.26 -0.08 -1.66
CA GLN A 169 -19.16 0.31 -0.57
C GLN A 169 -20.07 -0.83 -0.16
N ARG A 170 -20.65 -1.50 -1.15
CA ARG A 170 -21.53 -2.63 -0.87
C ARG A 170 -20.77 -3.74 -0.11
N GLU A 171 -19.55 -4.04 -0.57
CA GLU A 171 -18.78 -5.14 0.03
C GLU A 171 -18.46 -4.82 1.48
N LEU A 172 -18.04 -3.59 1.74
CA LEU A 172 -17.73 -3.16 3.12
C LEU A 172 -18.94 -3.21 4.04
N ARG A 173 -20.09 -2.80 3.52
CA ARG A 173 -21.35 -2.91 4.27
C ARG A 173 -21.70 -4.37 4.56
N GLU A 174 -21.49 -5.27 3.60
CA GLU A 174 -21.78 -6.70 3.82
C GLU A 174 -20.93 -7.26 4.96
N VAL A 175 -19.66 -6.89 5.01
CA VAL A 175 -18.78 -7.37 6.07
C VAL A 175 -19.15 -6.75 7.41
N LEU A 176 -19.27 -5.43 7.43
CA LEU A 176 -19.55 -4.70 8.67
C LEU A 176 -20.97 -4.88 9.20
N ASN A 177 -21.94 -5.00 8.31
CA ASN A 177 -23.36 -5.04 8.71
C ASN A 177 -23.97 -6.43 8.72
N ASP A 178 -23.47 -7.31 7.84
CA ASP A 178 -24.02 -8.66 7.73
C ASP A 178 -23.07 -9.74 8.25
N GLY A 179 -21.86 -9.35 8.63
CA GLY A 179 -20.88 -10.28 9.18
C GLY A 179 -20.30 -11.27 8.18
N VAL A 180 -20.40 -10.95 6.89
CA VAL A 180 -19.80 -11.75 5.82
C VAL A 180 -18.27 -11.69 5.94
N LYS A 181 -17.60 -12.85 5.82
CA LYS A 181 -16.13 -12.89 5.80
C LYS A 181 -15.68 -12.27 4.49
N PRO A 182 -14.65 -11.41 4.51
CA PRO A 182 -14.23 -10.82 3.24
C PRO A 182 -13.93 -11.84 2.14
N CYS A 183 -13.26 -12.95 2.47
CA CYS A 183 -12.93 -13.96 1.46
C CYS A 183 -14.19 -14.62 0.85
N ASP A 184 -15.35 -14.44 1.47
CA ASP A 184 -16.64 -14.96 0.96
C ASP A 184 -17.49 -13.98 0.14
N LEU A 185 -17.03 -12.74 0.02
CA LEU A 185 -17.72 -11.73 -0.78
C LEU A 185 -17.76 -12.05 -2.27
N HIS A 186 -18.81 -11.58 -2.95
CA HIS A 186 -18.94 -11.75 -4.40
C HIS A 186 -18.58 -10.44 -5.08
N ALA A 187 -17.68 -10.49 -6.06
CA ALA A 187 -17.25 -9.31 -6.79
C ALA A 187 -17.53 -9.49 -8.26
N GLU A 188 -17.78 -8.38 -8.95
CA GLU A 188 -18.08 -8.41 -10.37
C GLU A 188 -17.16 -7.54 -11.20
N ILE A 189 -16.48 -6.57 -10.57
CA ILE A 189 -15.67 -5.62 -11.33
C ILE A 189 -14.19 -5.72 -11.01
N LEU A 190 -13.82 -5.43 -9.77
CA LEU A 190 -12.40 -5.41 -9.39
C LEU A 190 -11.83 -6.83 -9.39
N PRO A 191 -10.52 -6.96 -9.65
CA PRO A 191 -9.57 -5.88 -9.83
C PRO A 191 -9.68 -5.17 -11.20
N SER A 192 -10.16 -5.88 -12.22
CA SER A 192 -10.22 -5.33 -13.58
C SER A 192 -11.52 -5.78 -14.26
N GLY A 193 -12.36 -4.82 -14.64
CA GLY A 193 -13.67 -5.12 -15.20
C GLY A 193 -13.61 -6.10 -16.35
N GLY A 194 -12.62 -5.92 -17.22
CA GLY A 194 -12.50 -6.72 -18.43
C GLY A 194 -11.80 -8.06 -18.30
N ASP A 195 -11.22 -8.34 -17.12
CA ASP A 195 -10.51 -9.61 -16.93
C ASP A 195 -11.46 -10.74 -16.53
N LYS A 196 -10.94 -11.96 -16.46
CA LYS A 196 -11.78 -13.16 -16.36
C LYS A 196 -12.37 -13.40 -14.96
N LYS A 197 -11.59 -13.05 -13.94
CA LYS A 197 -11.95 -13.32 -12.56
C LYS A 197 -12.01 -12.03 -11.76
N HIS A 198 -12.93 -11.99 -10.81
CA HIS A 198 -13.10 -10.81 -9.97
C HIS A 198 -12.99 -11.17 -8.49
N TYR A 199 -12.38 -10.28 -7.72
CA TYR A 199 -12.08 -10.54 -6.32
C TYR A 199 -12.55 -9.38 -5.45
N PRO A 200 -12.91 -9.66 -4.19
CA PRO A 200 -13.25 -8.59 -3.27
C PRO A 200 -12.09 -7.65 -3.01
N ILE A 201 -12.43 -6.38 -2.80
CA ILE A 201 -11.47 -5.36 -2.37
C ILE A 201 -11.62 -5.04 -0.90
N ALA A 202 -12.80 -5.28 -0.32
CA ALA A 202 -13.01 -4.92 1.09
C ALA A 202 -11.98 -5.63 1.99
N PHE A 203 -11.30 -4.84 2.82
CA PHE A 203 -10.26 -5.36 3.73
C PHE A 203 -9.17 -6.15 3.00
N ASN A 204 -8.88 -5.73 1.77
CA ASN A 204 -7.92 -6.43 0.93
C ASN A 204 -6.97 -5.47 0.27
N ALA A 205 -5.91 -6.03 -0.33
CA ALA A 205 -5.00 -5.24 -1.16
C ALA A 205 -4.78 -6.10 -2.40
N LEU A 206 -5.24 -5.61 -3.54
CA LEU A 206 -5.17 -6.42 -4.77
C LEU A 206 -4.04 -5.92 -5.64
N PRO A 207 -3.00 -6.75 -5.82
CA PRO A 207 -1.85 -6.33 -6.64
C PRO A 207 -2.09 -6.53 -8.14
N GLN A 208 -3.23 -6.03 -8.61
CA GLN A 208 -3.54 -6.05 -10.03
C GLN A 208 -4.39 -4.85 -10.35
N ILE A 209 -3.89 -4.02 -11.26
CA ILE A 209 -4.66 -2.95 -11.88
C ILE A 209 -4.49 -3.10 -13.37
N ASP A 210 -5.61 -3.08 -14.10
CA ASP A 210 -5.67 -3.44 -15.52
C ASP A 210 -5.33 -4.94 -15.67
N VAL A 211 -5.16 -5.38 -16.91
CA VAL A 211 -4.82 -6.79 -17.17
C VAL A 211 -3.32 -7.01 -17.27
N PHE A 212 -2.91 -8.28 -17.24
CA PHE A 212 -1.49 -8.61 -17.34
C PHE A 212 -0.98 -8.49 -18.77
N THR A 213 0.25 -7.98 -18.92
CA THR A 213 0.94 -8.01 -20.20
C THR A 213 1.83 -9.24 -20.25
N ASP A 214 2.43 -9.48 -21.41
CA ASP A 214 3.32 -10.61 -21.64
C ASP A 214 4.54 -10.74 -20.74
N ASN A 215 4.95 -9.65 -20.08
CA ASN A 215 6.15 -9.69 -19.25
C ASN A 215 5.83 -9.84 -17.76
N ASP A 216 4.58 -10.13 -17.45
CA ASP A 216 4.10 -10.38 -16.07
C ASP A 216 3.94 -9.14 -15.21
N TYR A 217 4.21 -7.96 -15.78
CA TYR A 217 3.74 -6.69 -15.21
C TYR A 217 2.34 -6.43 -15.78
N THR A 218 1.51 -5.73 -15.04
CA THR A 218 0.21 -5.34 -15.59
C THR A 218 0.35 -4.14 -16.51
N TYR A 219 -0.71 -3.88 -17.27
CA TYR A 219 -0.71 -2.71 -18.13
C TYR A 219 -0.58 -1.42 -17.32
N GLU A 220 -1.14 -1.37 -16.10
CA GLU A 220 -0.99 -0.16 -15.27
C GLU A 220 0.48 0.08 -14.95
N GLU A 221 1.20 -0.99 -14.61
CA GLU A 221 2.60 -0.86 -14.25
C GLU A 221 3.40 -0.41 -15.47
N MET A 222 3.11 -1.02 -16.62
CA MET A 222 3.83 -0.67 -17.85
C MET A 222 3.48 0.73 -18.34
N LYS A 223 2.26 1.20 -18.08
CA LYS A 223 1.91 2.59 -18.39
C LYS A 223 2.75 3.54 -17.57
N MET A 224 2.94 3.26 -16.28
CA MET A 224 3.82 4.15 -15.48
C MET A 224 5.23 4.22 -16.09
N THR A 225 5.73 3.07 -16.51
CA THR A 225 7.05 3.01 -17.14
C THR A 225 7.11 3.82 -18.44
N LYS A 226 6.21 3.52 -19.38
CA LYS A 226 6.29 4.12 -20.71
C LYS A 226 5.86 5.57 -20.74
N GLU A 227 4.85 5.91 -19.94
CA GLU A 227 4.38 7.30 -19.88
C GLU A 227 5.40 8.21 -19.24
N THR A 228 6.08 7.74 -18.20
CA THR A 228 7.17 8.52 -17.60
C THR A 228 8.22 8.90 -18.65
N LYS A 229 8.65 7.89 -19.42
CA LYS A 229 9.68 8.09 -20.42
C LYS A 229 9.26 9.11 -21.47
N LYS A 230 7.99 9.07 -21.87
CA LYS A 230 7.50 10.01 -22.88
C LYS A 230 7.33 11.44 -22.35
N ILE A 231 6.75 11.56 -21.17
CA ILE A 231 6.51 12.86 -20.55
C ILE A 231 7.82 13.56 -20.23
N MET A 232 8.76 12.83 -19.66
CA MET A 232 10.06 13.44 -19.33
C MET A 232 11.04 13.47 -20.50
N GLU A 233 10.61 12.93 -21.64
CA GLU A 233 11.42 12.93 -22.86
C GLU A 233 12.81 12.33 -22.65
N ASP A 234 12.82 11.17 -21.97
CA ASP A 234 14.07 10.50 -21.64
C ASP A 234 13.82 9.01 -21.47
N ASP A 235 14.16 8.26 -22.52
CA ASP A 235 14.01 6.81 -22.48
C ASP A 235 15.02 6.12 -21.57
N SER A 236 16.03 6.85 -21.09
CA SER A 236 17.07 6.27 -20.23
C SER A 236 16.66 6.15 -18.76
N ILE A 237 15.55 6.79 -18.37
CA ILE A 237 15.08 6.67 -17.00
C ILE A 237 14.51 5.27 -16.78
N ALA A 238 15.12 4.51 -15.88
CA ALA A 238 14.67 3.16 -15.57
C ALA A 238 13.45 3.30 -14.65
N VAL A 239 12.33 2.64 -15.00
CA VAL A 239 11.13 2.72 -14.18
C VAL A 239 10.49 1.34 -14.05
N SER A 240 10.31 0.87 -12.81
CA SER A 240 9.58 -0.38 -12.55
C SER A 240 8.56 -0.11 -11.46
N ALA A 241 7.35 -0.63 -11.64
CA ALA A 241 6.21 -0.31 -10.78
C ALA A 241 5.50 -1.58 -10.31
N THR A 242 4.91 -1.50 -9.11
CA THR A 242 3.93 -2.44 -8.61
C THR A 242 2.69 -1.64 -8.28
N CYS A 243 1.58 -1.98 -8.93
CA CYS A 243 0.36 -1.18 -8.79
C CYS A 243 -0.71 -1.95 -8.05
N VAL A 244 -1.14 -1.41 -6.91
CA VAL A 244 -2.00 -2.15 -5.98
C VAL A 244 -3.26 -1.36 -5.67
N ARG A 245 -4.41 -2.01 -5.73
CA ARG A 245 -5.69 -1.38 -5.35
C ARG A 245 -5.92 -1.64 -3.86
N ILE A 246 -6.31 -0.59 -3.14
CA ILE A 246 -6.61 -0.70 -1.71
C ILE A 246 -8.02 -0.14 -1.44
N PRO A 247 -8.57 -0.38 -0.23
CA PRO A 247 -9.93 0.06 0.05
C PRO A 247 -10.02 1.57 0.38
N VAL A 248 -9.81 2.38 -0.65
CA VAL A 248 -9.89 3.84 -0.59
C VAL A 248 -10.77 4.22 -1.80
N LEU A 249 -11.72 5.14 -1.61
CA LEU A 249 -12.60 5.50 -2.72
C LEU A 249 -11.94 6.51 -3.63
N SER A 250 -11.31 7.53 -3.05
CA SER A 250 -10.64 8.58 -3.80
C SER A 250 -9.29 8.92 -3.22
N ALA A 251 -8.39 9.25 -4.15
CA ALA A 251 -6.98 9.69 -3.96
C ALA A 251 -6.02 8.51 -3.95
N HIS A 252 -5.04 8.56 -4.87
CA HIS A 252 -3.99 7.55 -4.95
C HIS A 252 -2.81 8.00 -4.11
N SER A 253 -2.14 7.03 -3.48
CA SER A 253 -0.90 7.29 -2.75
C SER A 253 0.20 6.47 -3.38
N GLU A 254 1.44 6.95 -3.30
CA GLU A 254 2.55 6.22 -3.89
C GLU A 254 3.77 6.28 -3.01
N SER A 255 4.39 5.13 -2.78
CA SER A 255 5.71 5.08 -2.16
C SER A 255 6.70 5.08 -3.32
N VAL A 256 7.48 6.15 -3.45
CA VAL A 256 8.32 6.40 -4.62
C VAL A 256 9.78 6.42 -4.18
N TYR A 257 10.60 5.56 -4.82
CA TYR A 257 12.02 5.56 -4.64
C TYR A 257 12.66 6.05 -5.91
N ILE A 258 13.65 6.94 -5.77
CA ILE A 258 14.40 7.40 -6.93
C ILE A 258 15.89 7.29 -6.65
N GLU A 259 16.67 7.15 -7.71
CA GLU A 259 18.09 7.50 -7.65
C GLU A 259 18.32 8.64 -8.63
N THR A 260 18.89 9.72 -8.12
CA THR A 260 19.20 10.90 -8.93
C THR A 260 20.55 10.70 -9.65
N LYS A 261 20.90 11.59 -10.59
CA LYS A 261 22.22 11.53 -11.24
C LYS A 261 23.31 12.13 -10.35
N GLU A 262 22.98 13.19 -9.62
CA GLU A 262 23.90 13.81 -8.67
C GLU A 262 23.23 13.78 -7.31
N VAL A 263 24.03 13.75 -6.24
CA VAL A 263 23.50 13.75 -4.88
C VAL A 263 22.66 14.99 -4.65
N ALA A 264 21.41 14.78 -4.20
CA ALA A 264 20.42 15.84 -4.04
C ALA A 264 20.17 16.04 -2.55
N PRO A 265 20.73 17.12 -1.95
CA PRO A 265 20.55 17.32 -0.51
C PRO A 265 19.08 17.37 -0.14
N ILE A 266 18.66 16.64 0.89
CA ILE A 266 17.24 16.51 1.21
C ILE A 266 16.52 17.85 1.46
N GLU A 267 17.17 18.78 2.16
CA GLU A 267 16.51 20.07 2.37
C GLU A 267 16.30 20.84 1.06
N GLU A 268 17.22 20.70 0.11
CA GLU A 268 17.04 21.32 -1.20
C GLU A 268 15.98 20.60 -2.02
N VAL A 269 15.88 19.28 -1.87
CA VAL A 269 14.84 18.52 -2.56
C VAL A 269 13.45 18.97 -2.07
N LYS A 270 13.28 19.03 -0.75
CA LYS A 270 12.05 19.56 -0.15
C LYS A 270 11.71 20.97 -0.70
N ALA A 271 12.70 21.86 -0.72
CA ALA A 271 12.43 23.22 -1.20
C ALA A 271 12.08 23.24 -2.71
N ALA A 272 12.73 22.39 -3.50
CA ALA A 272 12.48 22.36 -4.95
C ALA A 272 11.06 21.86 -5.22
N ILE A 273 10.63 20.86 -4.45
CA ILE A 273 9.26 20.36 -4.60
C ILE A 273 8.24 21.40 -4.14
N ALA A 274 8.49 22.03 -2.99
CA ALA A 274 7.59 23.07 -2.50
C ALA A 274 7.40 24.17 -3.54
N ALA A 275 8.48 24.52 -4.23
CA ALA A 275 8.48 25.62 -5.19
C ALA A 275 7.86 25.29 -6.54
N PHE A 276 7.59 24.00 -6.77
CA PHE A 276 7.14 23.57 -8.09
C PHE A 276 5.62 23.71 -8.22
N PRO A 277 5.14 24.38 -9.29
CA PRO A 277 3.69 24.54 -9.42
C PRO A 277 2.95 23.20 -9.44
N GLY A 278 1.88 23.11 -8.68
CA GLY A 278 1.09 21.88 -8.62
C GLY A 278 1.49 20.93 -7.52
N ALA A 279 2.69 21.12 -6.95
CA ALA A 279 3.20 20.26 -5.85
C ALA A 279 3.18 21.05 -4.56
N VAL A 280 2.71 20.42 -3.50
CA VAL A 280 2.69 21.04 -2.19
C VAL A 280 3.48 20.13 -1.28
N LEU A 281 4.45 20.72 -0.58
CA LEU A 281 5.21 19.97 0.40
C LEU A 281 4.41 19.86 1.70
N GLU A 282 4.16 18.62 2.14
CA GLU A 282 3.54 18.35 3.44
C GLU A 282 4.48 17.40 4.15
N ASP A 283 5.45 17.95 4.85
CA ASP A 283 6.54 17.12 5.37
C ASP A 283 7.09 17.79 6.62
N ASP A 284 6.60 17.35 7.76
CA ASP A 284 7.03 17.86 9.06
C ASP A 284 6.81 16.72 10.04
N VAL A 285 7.76 15.79 10.06
CA VAL A 285 7.55 14.56 10.82
C VAL A 285 7.51 14.81 12.33
N ALA A 286 8.15 15.90 12.78
CA ALA A 286 8.09 16.26 14.21
C ALA A 286 6.63 16.49 14.65
N HIS A 287 5.77 16.86 13.70
CA HIS A 287 4.34 17.05 13.98
C HIS A 287 3.46 16.07 13.20
N GLN A 288 4.07 14.94 12.82
CA GLN A 288 3.36 13.88 12.11
C GLN A 288 2.60 14.41 10.89
N ILE A 289 3.25 15.30 10.14
CA ILE A 289 2.66 15.85 8.92
C ILE A 289 3.24 15.12 7.71
N TYR A 290 2.34 14.52 6.93
CA TYR A 290 2.70 13.84 5.66
C TYR A 290 1.42 13.81 4.83
N PRO A 291 1.55 13.62 3.51
CA PRO A 291 0.35 13.51 2.67
C PRO A 291 -0.59 12.38 3.10
N GLN A 292 -1.89 12.63 3.02
CA GLN A 292 -2.91 11.61 3.33
C GLN A 292 -4.03 11.65 2.30
N ALA A 293 -4.40 10.47 1.80
CA ALA A 293 -5.49 10.34 0.86
C ALA A 293 -6.72 11.15 1.27
N ILE A 294 -7.14 11.01 2.52
CA ILE A 294 -8.40 11.64 2.93
C ILE A 294 -8.32 13.16 2.91
N ASN A 295 -7.10 13.69 3.07
CA ASN A 295 -6.88 15.14 3.04
C ASN A 295 -6.75 15.72 1.63
N ALA A 296 -6.30 14.86 0.71
CA ALA A 296 -6.05 15.26 -0.68
C ALA A 296 -7.33 15.35 -1.50
N VAL A 297 -8.35 14.58 -1.10
CA VAL A 297 -9.62 14.56 -1.83
C VAL A 297 -10.18 15.98 -1.95
N GLY A 298 -10.53 16.36 -3.18
CA GLY A 298 -11.09 17.67 -3.46
C GLY A 298 -10.11 18.75 -3.85
N SER A 299 -8.81 18.47 -3.74
CA SER A 299 -7.79 19.44 -4.09
C SER A 299 -7.15 19.10 -5.42
N ARG A 300 -6.82 20.13 -6.20
CA ARG A 300 -6.08 19.98 -7.47
C ARG A 300 -4.58 19.74 -7.24
N ASP A 301 -4.10 19.96 -6.02
CA ASP A 301 -2.66 19.87 -5.76
C ASP A 301 -2.22 18.43 -5.59
N THR A 302 -0.91 18.21 -5.72
CA THR A 302 -0.27 16.92 -5.47
C THR A 302 0.61 17.14 -4.22
N PHE A 303 0.47 16.25 -3.25
CA PHE A 303 1.07 16.44 -1.94
C PHE A 303 2.23 15.47 -1.75
N VAL A 304 3.36 15.99 -1.30
CA VAL A 304 4.58 15.20 -1.19
C VAL A 304 5.18 15.31 0.20
N GLY A 305 5.57 14.17 0.78
CA GLY A 305 6.24 14.17 2.08
C GLY A 305 6.98 12.88 2.30
N ARG A 306 7.24 12.57 3.57
CA ARG A 306 8.12 11.45 3.96
C ARG A 306 9.46 11.47 3.20
N ILE A 307 9.95 12.65 2.83
CA ILE A 307 11.13 12.71 1.97
C ILE A 307 12.34 12.40 2.82
N ARG A 308 13.15 11.44 2.39
CA ARG A 308 14.34 11.05 3.16
C ARG A 308 15.32 10.30 2.28
N LYS A 309 16.59 10.38 2.62
CA LYS A 309 17.59 9.68 1.80
C LYS A 309 17.53 8.18 2.13
N ASP A 310 17.88 7.36 1.14
CA ASP A 310 18.04 5.92 1.36
C ASP A 310 19.08 5.69 2.46
N LEU A 311 18.93 4.62 3.21
CA LEU A 311 19.91 4.30 4.26
C LEU A 311 21.30 3.88 3.74
N ASP A 312 21.39 3.53 2.45
CA ASP A 312 22.64 2.98 1.88
C ASP A 312 23.06 3.57 0.54
N ALA A 313 22.10 3.75 -0.37
CA ALA A 313 22.41 4.25 -1.71
C ALA A 313 22.63 5.75 -1.65
N GLU A 314 23.86 6.17 -1.94
CA GLU A 314 24.25 7.57 -1.88
C GLU A 314 23.22 8.52 -2.56
N LYS A 315 22.69 8.10 -3.71
CA LYS A 315 21.83 8.99 -4.53
C LYS A 315 20.35 8.59 -4.45
N GLY A 316 20.03 7.65 -3.57
CA GLY A 316 18.65 7.19 -3.40
C GLY A 316 17.85 8.08 -2.46
N ILE A 317 16.58 8.29 -2.81
CA ILE A 317 15.66 9.12 -2.02
C ILE A 317 14.30 8.41 -2.04
N HIS A 318 13.65 8.39 -0.89
CA HIS A 318 12.27 7.87 -0.76
C HIS A 318 11.31 9.02 -0.46
N MET A 319 10.08 8.89 -0.92
CA MET A 319 9.04 9.87 -0.62
C MET A 319 7.66 9.23 -0.75
N TRP A 320 6.65 10.00 -0.36
CA TRP A 320 5.25 9.59 -0.36
C TRP A 320 4.47 10.66 -1.09
N VAL A 321 3.72 10.27 -2.13
CA VAL A 321 3.08 11.21 -3.04
C VAL A 321 1.59 10.87 -3.07
N VAL A 322 0.74 11.88 -2.90
CA VAL A 322 -0.72 11.67 -2.85
C VAL A 322 -1.42 12.71 -3.69
N SER A 323 -2.40 12.29 -4.48
CA SER A 323 -3.28 13.26 -5.15
C SER A 323 -4.66 12.65 -5.42
N ASP A 324 -5.65 13.51 -5.51
CA ASP A 324 -6.98 13.10 -5.89
C ASP A 324 -6.96 12.55 -7.34
N ASN A 325 -7.28 11.27 -7.49
CA ASN A 325 -7.11 10.60 -8.78
C ASN A 325 -8.12 11.00 -9.84
N LEU A 326 -9.22 11.61 -9.40
CA LEU A 326 -10.21 12.12 -10.38
C LEU A 326 -9.97 13.59 -10.73
N LEU A 327 -9.14 14.28 -9.95
CA LEU A 327 -8.85 15.71 -10.17
C LEU A 327 -7.52 15.82 -10.90
N LYS A 328 -6.40 15.99 -10.20
CA LYS A 328 -5.12 16.04 -10.94
C LYS A 328 -4.89 14.75 -11.73
N GLY A 329 -5.42 13.64 -11.22
CA GLY A 329 -5.28 12.37 -11.91
C GLY A 329 -6.11 12.21 -13.17
N ALA A 330 -7.08 13.10 -13.37
CA ALA A 330 -7.93 12.98 -14.56
C ALA A 330 -8.55 14.31 -14.99
N ALA A 331 -9.68 14.69 -14.36
CA ALA A 331 -10.47 15.82 -14.84
C ALA A 331 -9.77 17.17 -14.76
N TRP A 332 -9.04 17.41 -13.67
CA TRP A 332 -8.30 18.65 -13.54
C TRP A 332 -7.12 18.68 -14.51
N ASN A 333 -6.39 17.58 -14.67
CA ASN A 333 -5.33 17.61 -15.67
C ASN A 333 -5.89 17.94 -17.05
N SER A 334 -7.06 17.38 -17.38
CA SER A 334 -7.70 17.65 -18.66
C SER A 334 -8.14 19.11 -18.82
N VAL A 335 -8.82 19.66 -17.82
CA VAL A 335 -9.27 21.05 -17.91
C VAL A 335 -8.05 21.98 -17.92
N GLN A 336 -7.02 21.65 -17.13
CA GLN A 336 -5.78 22.43 -17.13
C GLN A 336 -5.13 22.43 -18.53
N ILE A 337 -5.13 21.27 -19.18
CA ILE A 337 -4.66 21.21 -20.57
C ILE A 337 -5.50 22.14 -21.44
N ALA A 338 -6.82 22.09 -21.30
CA ALA A 338 -7.69 22.96 -22.12
C ALA A 338 -7.40 24.43 -21.87
N GLU A 339 -7.20 24.79 -20.60
CA GLU A 339 -6.85 26.17 -20.25
C GLU A 339 -5.51 26.57 -20.85
N THR A 340 -4.56 25.63 -20.88
CA THR A 340 -3.23 25.90 -21.45
C THR A 340 -3.32 26.05 -22.97
N LEU A 341 -4.13 25.21 -23.61
CA LEU A 341 -4.38 25.39 -25.04
C LEU A 341 -4.97 26.78 -25.30
N HIS A 342 -5.91 27.21 -24.46
CA HIS A 342 -6.48 28.55 -24.66
C HIS A 342 -5.43 29.65 -24.53
N GLU A 343 -4.60 29.56 -23.48
CA GLU A 343 -3.54 30.55 -23.19
C GLU A 343 -2.59 30.70 -24.35
N ARG A 344 -2.30 29.57 -25.01
CA ARG A 344 -1.29 29.51 -26.06
C ARG A 344 -1.87 29.66 -27.47
N GLY A 345 -3.18 29.93 -27.58
CA GLY A 345 -3.83 30.12 -28.90
C GLY A 345 -3.88 28.85 -29.72
N LEU A 346 -4.01 27.71 -29.04
CA LEU A 346 -3.92 26.42 -29.69
C LEU A 346 -5.28 25.75 -29.91
N VAL A 347 -6.38 26.45 -29.59
CA VAL A 347 -7.72 25.90 -29.82
C VAL A 347 -8.16 26.33 -31.20
N ARG A 348 -7.89 25.45 -32.17
CA ARG A 348 -8.29 25.69 -33.55
C ARG A 348 -8.21 24.36 -34.30
N PRO A 349 -8.97 24.24 -35.41
CA PRO A 349 -8.95 23.02 -36.23
C PRO A 349 -7.56 22.61 -36.73
N THR A 350 -7.35 21.31 -36.83
CA THR A 350 -6.14 20.75 -37.38
C THR A 350 -6.40 20.46 -38.85
N ALA A 351 -5.52 20.97 -39.70
CA ALA A 351 -5.66 20.83 -41.16
C ALA A 351 -5.38 19.42 -41.67
N GLU A 352 -4.27 18.83 -41.23
CA GLU A 352 -3.90 17.49 -41.66
C GLU A 352 -4.43 16.45 -40.67
N LEU A 353 -5.22 15.50 -41.18
CA LEU A 353 -5.79 14.43 -40.38
CA LEU A 353 -5.78 14.43 -40.36
C LEU A 353 -4.80 13.26 -40.29
N LYS A 354 -4.33 12.98 -39.08
CA LYS A 354 -3.32 11.94 -38.87
C LYS A 354 -3.90 10.69 -38.20
N PHE A 355 -5.20 10.71 -37.95
CA PHE A 355 -5.85 9.62 -37.22
C PHE A 355 -6.91 8.93 -38.07
N GLU A 356 -6.68 7.64 -38.32
CA GLU A 356 -7.57 6.84 -39.15
C GLU A 356 -9.01 6.85 -38.62
N LEU A 357 -9.96 7.00 -39.54
CA LEU A 357 -11.37 6.95 -39.19
C LEU A 357 -11.84 5.49 -39.02
N LYS A 358 -12.51 5.25 -37.90
CA LYS A 358 -12.97 3.92 -37.43
C LYS A 358 -11.81 3.02 -37.01
N GLY B 2 4.61 -33.02 30.90
CA GLY B 2 4.17 -31.81 30.15
C GLY B 2 4.60 -30.50 30.76
N TYR B 3 4.24 -29.42 30.10
CA TYR B 3 4.65 -28.08 30.49
C TYR B 3 3.52 -27.30 31.15
N THR B 4 3.92 -26.38 32.03
CA THR B 4 3.05 -25.28 32.44
C THR B 4 3.39 -24.11 31.56
N VAL B 5 2.37 -23.59 30.86
CA VAL B 5 2.56 -22.51 29.89
C VAL B 5 1.73 -21.31 30.35
N ALA B 6 2.37 -20.15 30.41
CA ALA B 6 1.67 -18.89 30.72
C ALA B 6 1.59 -18.05 29.45
N VAL B 7 0.41 -17.50 29.21
CA VAL B 7 0.25 -16.52 28.12
C VAL B 7 0.08 -15.15 28.74
N VAL B 8 1.05 -14.25 28.54
CA VAL B 8 1.04 -12.92 29.15
C VAL B 8 0.51 -11.97 28.10
N GLY B 9 -0.65 -11.35 28.36
CA GLY B 9 -1.37 -10.59 27.34
C GLY B 9 -2.45 -11.45 26.69
N ALA B 10 -3.02 -12.38 27.44
CA ALA B 10 -3.97 -13.36 26.89
C ALA B 10 -5.23 -12.74 26.28
N THR B 11 -5.59 -11.56 26.77
CA THR B 11 -6.84 -10.90 26.39
C THR B 11 -6.72 -10.00 25.15
N GLY B 12 -5.51 -9.76 24.66
CA GLY B 12 -5.29 -8.85 23.53
C GLY B 12 -5.50 -9.51 22.18
N ALA B 13 -5.30 -8.75 21.10
CA ALA B 13 -5.49 -9.31 19.74
C ALA B 13 -4.51 -10.46 19.46
N VAL B 14 -3.23 -10.28 19.80
CA VAL B 14 -2.27 -11.38 19.65
C VAL B 14 -2.58 -12.50 20.63
N GLY B 15 -2.91 -12.16 21.87
CA GLY B 15 -3.18 -13.16 22.90
C GLY B 15 -4.30 -14.12 22.50
N ALA B 16 -5.36 -13.61 21.88
CA ALA B 16 -6.45 -14.51 21.42
C ALA B 16 -5.94 -15.52 20.40
N GLN B 17 -5.01 -15.10 19.54
CA GLN B 17 -4.42 -16.03 18.57
C GLN B 17 -3.38 -16.93 19.21
N MET B 18 -2.69 -16.44 20.25
CA MET B 18 -1.81 -17.32 21.04
CA MET B 18 -1.79 -17.32 20.99
C MET B 18 -2.59 -18.48 21.62
N ILE B 19 -3.76 -18.16 22.16
CA ILE B 19 -4.64 -19.20 22.70
C ILE B 19 -5.01 -20.21 21.60
N LYS B 20 -5.46 -19.71 20.45
CA LYS B 20 -5.86 -20.59 19.35
C LYS B 20 -4.68 -21.46 18.90
N MET B 21 -3.51 -20.84 18.76
CA MET B 21 -2.34 -21.59 18.29
C MET B 21 -1.90 -22.64 19.31
N LEU B 22 -2.00 -22.31 20.60
CA LEU B 22 -1.70 -23.29 21.65
C LEU B 22 -2.75 -24.42 21.67
N GLU B 23 -4.02 -24.07 21.49
CA GLU B 23 -5.06 -25.11 21.42
C GLU B 23 -4.79 -26.09 20.27
N GLU B 24 -4.17 -25.60 19.20
CA GLU B 24 -3.92 -26.40 18.00
C GLU B 24 -2.49 -26.94 17.96
N SER B 25 -1.75 -26.75 19.05
CA SER B 25 -0.33 -27.12 19.11
C SER B 25 -0.14 -28.57 19.50
N THR B 26 1.02 -29.10 19.16
CA THR B 26 1.45 -30.42 19.63
C THR B 26 2.11 -30.36 21.00
N LEU B 27 2.38 -29.16 21.53
CA LEU B 27 3.09 -29.07 22.81
C LEU B 27 2.34 -29.84 23.89
N PRO B 28 3.06 -30.63 24.70
CA PRO B 28 2.40 -31.29 25.81
C PRO B 28 2.17 -30.30 26.96
N ILE B 29 0.93 -29.89 27.13
CA ILE B 29 0.60 -28.87 28.10
C ILE B 29 -0.20 -29.50 29.23
N ASP B 30 0.36 -29.41 30.43
CA ASP B 30 -0.28 -29.94 31.62
C ASP B 30 -1.11 -28.85 32.33
N LYS B 31 -0.71 -27.59 32.18
CA LYS B 31 -1.35 -26.50 32.89
C LYS B 31 -1.20 -25.25 32.04
N ILE B 32 -2.31 -24.51 31.92
CA ILE B 32 -2.30 -23.23 31.22
C ILE B 32 -2.68 -22.12 32.19
N ARG B 33 -1.95 -21.00 32.10
CA ARG B 33 -2.28 -19.81 32.89
C ARG B 33 -2.37 -18.62 31.96
N TYR B 34 -3.37 -17.78 32.23
CA TYR B 34 -3.60 -16.55 31.45
C TYR B 34 -3.29 -15.35 32.32
N LEU B 35 -2.36 -14.55 31.85
CA LEU B 35 -1.92 -13.38 32.59
C LEU B 35 -2.21 -12.14 31.77
N ALA B 36 -2.58 -11.07 32.46
CA ALA B 36 -2.85 -9.80 31.78
C ALA B 36 -2.62 -8.68 32.78
N SER B 37 -3.32 -7.57 32.62
CA SER B 37 -3.13 -6.47 33.58
C SER B 37 -4.20 -6.52 34.67
N ALA B 38 -4.11 -5.58 35.61
CA ALA B 38 -5.16 -5.43 36.60
C ALA B 38 -6.57 -5.28 35.97
N ARG B 39 -6.65 -4.74 34.75
CA ARG B 39 -7.92 -4.50 34.07
CA ARG B 39 -7.93 -4.50 34.12
C ARG B 39 -8.72 -5.79 33.90
N SER B 40 -8.04 -6.85 33.45
CA SER B 40 -8.68 -8.12 33.14
C SER B 40 -8.60 -9.17 34.26
N ALA B 41 -7.81 -8.88 35.29
CA ALA B 41 -7.61 -9.87 36.37
C ALA B 41 -8.96 -10.25 36.98
N GLY B 42 -9.20 -11.55 37.13
CA GLY B 42 -10.46 -12.04 37.72
C GLY B 42 -11.50 -12.42 36.70
N LYS B 43 -11.34 -11.99 35.45
CA LYS B 43 -12.24 -12.42 34.38
C LYS B 43 -11.82 -13.82 33.93
N SER B 44 -12.62 -14.42 33.05
CA SER B 44 -12.39 -15.80 32.62
C SER B 44 -12.31 -15.88 31.10
N LEU B 45 -11.44 -16.76 30.59
CA LEU B 45 -11.36 -17.07 29.16
C LEU B 45 -11.19 -18.56 29.03
N LYS B 46 -11.68 -19.11 27.93
CA LYS B 46 -11.52 -20.53 27.68
C LYS B 46 -10.12 -20.92 27.23
N PHE B 47 -9.70 -22.12 27.62
CA PHE B 47 -8.70 -22.89 26.90
C PHE B 47 -9.38 -24.21 26.55
N LYS B 48 -9.65 -24.43 25.26
CA LYS B 48 -10.53 -25.52 24.83
C LYS B 48 -11.85 -25.40 25.60
N ASP B 49 -12.23 -26.44 26.35
CA ASP B 49 -13.47 -26.37 27.13
C ASP B 49 -13.30 -25.89 28.57
N GLN B 50 -12.06 -25.59 28.96
CA GLN B 50 -11.75 -25.26 30.36
C GLN B 50 -11.85 -23.78 30.61
N ASP B 51 -12.40 -23.39 31.75
CA ASP B 51 -12.42 -21.99 32.13
C ASP B 51 -11.15 -21.64 32.89
N ILE B 52 -10.45 -20.61 32.42
CA ILE B 52 -9.20 -20.15 33.02
C ILE B 52 -9.38 -18.74 33.56
N THR B 53 -9.11 -18.58 34.85
CA THR B 53 -9.17 -17.24 35.47
C THR B 53 -7.91 -16.43 35.14
N ILE B 54 -8.13 -15.24 34.60
CA ILE B 54 -7.05 -14.35 34.23
C ILE B 54 -6.40 -13.77 35.50
N GLU B 55 -5.07 -13.73 35.51
CA GLU B 55 -4.30 -13.24 36.66
C GLU B 55 -3.59 -11.96 36.30
N GLU B 56 -3.50 -11.03 37.25
CA GLU B 56 -2.66 -9.85 37.07
C GLU B 56 -1.18 -10.29 37.03
N THR B 57 -0.45 -9.76 36.05
CA THR B 57 0.96 -10.08 35.89
C THR B 57 1.77 -9.36 36.95
N THR B 58 2.62 -10.10 37.65
CA THR B 58 3.49 -9.54 38.69
C THR B 58 4.85 -10.18 38.59
N GLU B 59 5.82 -9.63 39.33
CA GLU B 59 7.16 -10.19 39.35
C GLU B 59 7.21 -11.56 40.02
N THR B 60 6.17 -11.93 40.78
CA THR B 60 6.14 -13.21 41.48
C THR B 60 5.15 -14.20 40.87
N ALA B 61 4.64 -13.89 39.68
CA ALA B 61 3.62 -14.74 39.04
C ALA B 61 4.16 -15.96 38.28
N PHE B 62 5.47 -16.14 38.21
CA PHE B 62 6.02 -17.12 37.27
C PHE B 62 6.55 -18.43 37.87
N GLU B 63 6.37 -18.61 39.17
CA GLU B 63 6.80 -19.85 39.81
C GLU B 63 6.07 -21.05 39.22
N GLY B 64 6.85 -22.06 38.84
CA GLY B 64 6.31 -23.30 38.28
C GLY B 64 6.03 -23.24 36.80
N VAL B 65 6.26 -22.07 36.19
CA VAL B 65 6.02 -21.92 34.74
C VAL B 65 7.23 -22.39 33.94
N ASP B 66 6.98 -23.22 32.91
CA ASP B 66 8.06 -23.70 32.05
C ASP B 66 8.31 -22.78 30.87
N ILE B 67 7.21 -22.33 30.24
CA ILE B 67 7.26 -21.49 29.06
C ILE B 67 6.29 -20.32 29.28
N ALA B 68 6.73 -19.10 29.02
CA ALA B 68 5.84 -17.93 29.04
C ALA B 68 5.90 -17.24 27.68
N LEU B 69 4.74 -17.03 27.07
CA LEU B 69 4.62 -16.32 25.79
C LEU B 69 4.14 -14.92 26.10
N PHE B 70 4.97 -13.91 25.80
CA PHE B 70 4.61 -12.52 26.14
C PHE B 70 4.13 -11.81 24.89
N SER B 71 2.92 -11.24 24.96
CA SER B 71 2.50 -10.23 23.98
C SER B 71 1.61 -9.23 24.67
N ALA B 72 2.25 -8.42 25.49
CA ALA B 72 1.52 -7.47 26.35
C ALA B 72 2.17 -6.09 26.31
N GLY B 73 2.91 -5.81 25.25
CA GLY B 73 3.56 -4.52 25.08
C GLY B 73 4.99 -4.55 25.62
N SER B 74 5.85 -3.71 25.04
CA SER B 74 7.25 -3.68 25.42
C SER B 74 7.48 -3.44 26.90
N SER B 75 6.73 -2.53 27.52
CA SER B 75 6.93 -2.24 28.93
C SER B 75 6.67 -3.45 29.82
N THR B 76 5.68 -4.26 29.47
CA THR B 76 5.36 -5.45 30.26
C THR B 76 6.49 -6.48 30.15
N SER B 77 7.04 -6.66 28.96
CA SER B 77 8.19 -7.57 28.82
C SER B 77 9.40 -7.04 29.57
N ALA B 78 9.65 -5.74 29.48
CA ALA B 78 10.80 -5.15 30.19
C ALA B 78 10.67 -5.37 31.68
N LYS B 79 9.46 -5.21 32.21
CA LYS B 79 9.22 -5.29 33.66
C LYS B 79 9.25 -6.73 34.17
N TYR B 80 8.65 -7.66 33.42
CA TYR B 80 8.41 -9.00 33.97
C TYR B 80 9.20 -10.14 33.36
N ALA B 81 9.61 -10.02 32.10
CA ALA B 81 10.37 -11.14 31.50
C ALA B 81 11.64 -11.49 32.29
N PRO B 82 12.39 -10.49 32.79
CA PRO B 82 13.60 -10.86 33.53
C PRO B 82 13.27 -11.63 34.83
N TYR B 83 12.15 -11.30 35.47
CA TYR B 83 11.70 -12.06 36.65
C TYR B 83 11.29 -13.48 36.28
N ALA B 84 10.67 -13.62 35.11
CA ALA B 84 10.31 -14.96 34.62
C ALA B 84 11.59 -15.78 34.42
N VAL B 85 12.59 -15.18 33.77
CA VAL B 85 13.86 -15.87 33.55
C VAL B 85 14.50 -16.25 34.90
N LYS B 86 14.52 -15.31 35.85
CA LYS B 86 15.08 -15.61 37.18
C LYS B 86 14.36 -16.82 37.84
N ALA B 87 13.05 -16.92 37.60
CA ALA B 87 12.20 -18.00 38.13
C ALA B 87 12.40 -19.36 37.45
N GLY B 88 13.10 -19.38 36.31
CA GLY B 88 13.41 -20.63 35.58
C GLY B 88 12.61 -20.83 34.31
N VAL B 89 11.86 -19.82 33.90
CA VAL B 89 11.02 -19.90 32.71
C VAL B 89 11.86 -19.72 31.44
N VAL B 90 11.38 -20.25 30.31
CA VAL B 90 11.87 -19.79 29.02
CA VAL B 90 11.86 -19.81 29.00
C VAL B 90 10.80 -18.89 28.41
N VAL B 91 11.20 -17.66 28.11
CA VAL B 91 10.28 -16.64 27.60
C VAL B 91 10.39 -16.55 26.09
N VAL B 92 9.23 -16.56 25.41
CA VAL B 92 9.20 -16.21 24.00
C VAL B 92 8.47 -14.87 23.94
N ASP B 93 9.17 -13.83 23.48
CA ASP B 93 8.66 -12.47 23.57
C ASP B 93 8.28 -11.91 22.19
N ASN B 94 7.02 -11.51 22.02
CA ASN B 94 6.62 -10.83 20.76
C ASN B 94 6.99 -9.36 20.64
N THR B 95 7.41 -8.75 21.73
CA THR B 95 7.65 -7.30 21.71
C THR B 95 9.02 -6.96 21.11
N SER B 96 9.24 -5.68 20.89
CA SER B 96 10.51 -5.24 20.32
C SER B 96 11.60 -5.10 21.38
N TYR B 97 11.26 -5.24 22.65
CA TYR B 97 12.15 -4.78 23.71
C TYR B 97 13.55 -5.41 23.72
N PHE B 98 13.58 -6.72 23.55
CA PHE B 98 14.83 -7.48 23.67
C PHE B 98 15.42 -7.88 22.34
N ARG B 99 14.81 -7.44 21.23
CA ARG B 99 15.18 -7.99 19.91
C ARG B 99 16.61 -7.78 19.52
N GLN B 100 17.19 -6.64 19.92
CA GLN B 100 18.54 -6.26 19.49
C GLN B 100 19.59 -6.53 20.57
N ASN B 101 19.17 -7.29 21.59
CA ASN B 101 20.08 -7.65 22.67
C ASN B 101 20.95 -8.82 22.24
N PRO B 102 22.30 -8.70 22.35
CA PRO B 102 23.17 -9.75 21.82
C PRO B 102 23.02 -11.10 22.53
N ASP B 103 22.42 -11.08 23.72
CA ASP B 103 22.16 -12.31 24.47
C ASP B 103 20.81 -12.93 24.15
N VAL B 104 20.11 -12.37 23.17
CA VAL B 104 18.75 -12.82 22.82
C VAL B 104 18.67 -13.25 21.36
N PRO B 105 18.36 -14.54 21.11
CA PRO B 105 18.11 -14.98 19.73
C PRO B 105 16.84 -14.30 19.19
N LEU B 106 16.89 -13.84 17.94
CA LEU B 106 15.77 -13.17 17.29
C LEU B 106 15.37 -14.10 16.15
N VAL B 107 14.31 -14.89 16.36
CA VAL B 107 14.17 -16.11 15.57
C VAL B 107 12.91 -16.21 14.70
N VAL B 108 13.13 -16.65 13.45
CA VAL B 108 12.07 -17.15 12.56
C VAL B 108 12.51 -18.60 12.35
N PRO B 109 11.77 -19.59 12.89
CA PRO B 109 12.30 -20.96 12.94
C PRO B 109 12.80 -21.54 11.61
N GLU B 110 12.16 -21.19 10.50
CA GLU B 110 12.57 -21.71 9.19
C GLU B 110 13.91 -21.14 8.72
N VAL B 111 14.28 -20.00 9.32
CA VAL B 111 15.47 -19.25 8.88
C VAL B 111 16.67 -19.46 9.79
N ASN B 112 16.47 -19.28 11.10
CA ASN B 112 17.60 -19.29 12.03
C ASN B 112 17.30 -20.03 13.33
N ALA B 113 16.64 -21.20 13.20
CA ALA B 113 16.39 -22.04 14.37
C ALA B 113 17.68 -22.35 15.15
N HIS B 114 18.82 -22.41 14.47
CA HIS B 114 20.10 -22.70 15.10
C HIS B 114 20.42 -21.74 16.24
N ALA B 115 19.90 -20.51 16.14
CA ALA B 115 20.18 -19.50 17.15
C ALA B 115 19.52 -19.80 18.50
N LEU B 116 18.53 -20.70 18.51
CA LEU B 116 17.84 -21.07 19.75
C LEU B 116 18.75 -21.81 20.72
N ASP B 117 19.73 -22.56 20.19
CA ASP B 117 20.53 -23.45 21.03
C ASP B 117 21.24 -22.74 22.17
N ALA B 118 21.68 -21.51 21.92
CA ALA B 118 22.45 -20.74 22.89
C ALA B 118 21.58 -19.72 23.63
N HIS B 119 20.27 -19.94 23.68
CA HIS B 119 19.40 -18.96 24.38
C HIS B 119 19.73 -18.84 25.86
N ASN B 120 19.43 -17.67 26.39
CA ASN B 120 19.67 -17.37 27.79
C ASN B 120 18.36 -17.10 28.51
N GLY B 121 17.29 -17.73 28.03
CA GLY B 121 16.00 -17.62 28.71
C GLY B 121 14.97 -16.72 28.03
N ILE B 122 15.42 -15.88 27.10
CA ILE B 122 14.49 -15.06 26.30
C ILE B 122 14.76 -15.26 24.82
N ILE B 123 13.74 -15.65 24.08
CA ILE B 123 13.84 -15.71 22.63
C ILE B 123 12.86 -14.65 22.13
N ALA B 124 13.33 -13.79 21.22
CA ALA B 124 12.44 -12.78 20.68
C ALA B 124 11.89 -13.14 19.31
N CYS B 125 10.60 -12.85 19.14
CA CYS B 125 9.93 -12.88 17.85
CA CYS B 125 10.01 -12.87 17.80
C CYS B 125 10.22 -11.55 17.15
N PRO B 126 10.58 -11.55 15.85
CA PRO B 126 10.70 -10.24 15.18
C PRO B 126 9.33 -9.58 14.95
N ASN B 127 9.34 -8.37 14.43
CA ASN B 127 8.05 -7.79 14.06
C ASN B 127 7.39 -8.52 12.90
N CYS B 128 6.08 -8.41 12.83
CA CYS B 128 5.32 -9.15 11.86
C CYS B 128 5.79 -8.88 10.42
N SER B 129 6.01 -7.61 10.10
CA SER B 129 6.43 -7.21 8.75
CA SER B 129 6.45 -7.23 8.76
C SER B 129 7.76 -7.87 8.38
N THR B 130 8.67 -7.96 9.35
CA THR B 130 9.98 -8.59 9.11
C THR B 130 9.84 -10.09 8.92
N ILE B 131 9.02 -10.73 9.77
CA ILE B 131 8.91 -12.19 9.73
C ILE B 131 8.51 -12.68 8.34
N GLN B 132 7.43 -12.12 7.81
CA GLN B 132 6.95 -12.64 6.53
C GLN B 132 7.98 -12.38 5.41
N MET B 133 8.67 -11.24 5.49
CA MET B 133 9.69 -10.92 4.48
C MET B 133 10.86 -11.92 4.55
N MET B 134 11.23 -12.33 5.76
CA MET B 134 12.30 -13.30 5.94
C MET B 134 11.93 -14.69 5.39
N VAL B 135 10.68 -15.10 5.57
CA VAL B 135 10.23 -16.38 5.04
C VAL B 135 10.29 -16.37 3.51
N ALA B 136 9.91 -15.24 2.90
CA ALA B 136 9.94 -15.14 1.45
C ALA B 136 11.36 -15.09 0.91
N LEU B 137 12.24 -14.37 1.62
CA LEU B 137 13.54 -14.05 1.03
C LEU B 137 14.67 -15.00 1.39
N GLU B 138 14.57 -15.68 2.53
CA GLU B 138 15.63 -16.64 2.90
C GLU B 138 15.96 -17.68 1.80
N PRO B 139 14.94 -18.29 1.16
CA PRO B 139 15.30 -19.29 0.14
C PRO B 139 16.03 -18.66 -1.05
N VAL B 140 15.75 -17.39 -1.30
CA VAL B 140 16.46 -16.66 -2.38
C VAL B 140 17.88 -16.33 -1.92
N ARG B 141 18.03 -15.83 -0.70
CA ARG B 141 19.38 -15.54 -0.16
C ARG B 141 20.27 -16.77 -0.20
N GLN B 142 19.72 -17.92 0.19
CA GLN B 142 20.48 -19.16 0.23
C GLN B 142 21.13 -19.51 -1.09
N LYS B 143 20.42 -19.29 -2.20
CA LYS B 143 20.92 -19.70 -3.51
C LYS B 143 21.64 -18.62 -4.29
N TRP B 144 21.20 -17.36 -4.17
CA TRP B 144 21.74 -16.28 -5.00
C TRP B 144 22.23 -15.06 -4.23
N GLY B 145 22.10 -15.08 -2.91
CA GLY B 145 22.52 -13.96 -2.06
C GLY B 145 21.57 -12.77 -2.11
N LEU B 146 21.74 -11.86 -1.15
CA LEU B 146 20.97 -10.62 -1.13
C LEU B 146 21.91 -9.44 -0.95
N ASP B 147 21.84 -8.51 -1.89
CA ASP B 147 22.62 -7.29 -1.77
C ASP B 147 21.81 -6.18 -1.10
N ARG B 148 20.57 -5.98 -1.55
CA ARG B 148 19.71 -4.95 -0.95
C ARG B 148 18.25 -5.34 -1.05
N ILE B 149 17.46 -4.67 -0.21
CA ILE B 149 16.02 -4.80 -0.14
C ILE B 149 15.43 -3.39 -0.07
N ILE B 150 14.41 -3.13 -0.88
CA ILE B 150 13.57 -1.95 -0.69
C ILE B 150 12.15 -2.46 -0.56
N VAL B 151 11.47 -2.10 0.53
CA VAL B 151 10.13 -2.65 0.78
C VAL B 151 9.15 -1.54 1.10
N SER B 152 7.96 -1.64 0.54
CA SER B 152 6.83 -0.78 0.92
C SER B 152 5.72 -1.68 1.43
N THR B 153 5.24 -1.40 2.65
CA THR B 153 4.27 -2.29 3.27
C THR B 153 2.86 -1.76 3.20
N TYR B 154 1.92 -2.69 3.40
CA TYR B 154 0.49 -2.41 3.35
C TYR B 154 -0.04 -3.15 4.58
N GLN B 155 0.04 -2.49 5.73
CA GLN B 155 -0.15 -3.18 7.01
C GLN B 155 -1.55 -3.05 7.57
N ALA B 156 -2.01 -4.17 8.13
CA ALA B 156 -3.32 -4.31 8.78
C ALA B 156 -3.33 -3.67 10.17
N VAL B 157 -4.50 -3.18 10.56
CA VAL B 157 -4.64 -2.45 11.83
C VAL B 157 -4.55 -3.34 13.06
N SER B 158 -4.79 -4.63 12.94
CA SER B 158 -4.73 -5.51 14.13
C SER B 158 -3.34 -5.55 14.76
N GLY B 159 -2.32 -5.20 13.96
CA GLY B 159 -0.97 -5.07 14.45
C GLY B 159 -0.83 -4.02 15.55
N ALA B 160 -1.78 -3.07 15.58
CA ALA B 160 -1.78 -1.99 16.58
C ALA B 160 -2.64 -2.33 17.80
N GLY B 161 -3.22 -3.52 17.82
CA GLY B 161 -3.98 -4.00 18.98
C GLY B 161 -5.49 -3.98 18.83
N MET B 162 -6.19 -4.54 19.82
CA MET B 162 -7.66 -4.62 19.82
CA MET B 162 -7.65 -4.64 19.73
C MET B 162 -8.32 -3.27 19.61
N GLY B 163 -7.85 -2.26 20.33
CA GLY B 163 -8.45 -0.93 20.24
C GLY B 163 -8.42 -0.39 18.83
N ALA B 164 -7.33 -0.68 18.11
CA ALA B 164 -7.17 -0.20 16.73
C ALA B 164 -8.14 -0.90 15.78
N ILE B 165 -8.39 -2.19 16.01
CA ILE B 165 -9.40 -2.92 15.24
C ILE B 165 -10.76 -2.27 15.45
N LEU B 166 -11.12 -2.05 16.70
CA LEU B 166 -12.41 -1.45 17.01
C LEU B 166 -12.55 -0.03 16.44
N GLU B 167 -11.46 0.73 16.48
CA GLU B 167 -11.46 2.09 15.95
C GLU B 167 -11.73 2.05 14.45
N THR B 168 -11.08 1.12 13.76
CA THR B 168 -11.22 1.00 12.31
C THR B 168 -12.65 0.62 11.91
N GLN B 169 -13.20 -0.39 12.57
CA GLN B 169 -14.58 -0.79 12.35
C GLN B 169 -15.55 0.33 12.63
N ARG B 170 -15.35 1.05 13.74
CA ARG B 170 -16.23 2.17 14.11
C ARG B 170 -16.20 3.27 13.04
N GLU B 171 -14.99 3.66 12.62
CA GLU B 171 -14.85 4.70 11.60
C GLU B 171 -15.53 4.30 10.28
N LEU B 172 -15.33 3.06 9.84
CA LEU B 172 -15.93 2.61 8.58
C LEU B 172 -17.45 2.61 8.67
N ARG B 173 -17.97 2.22 9.83
CA ARG B 173 -19.42 2.25 10.04
C ARG B 173 -19.95 3.68 10.02
N GLU B 174 -19.19 4.62 10.59
CA GLU B 174 -19.66 6.02 10.60
C GLU B 174 -19.74 6.57 9.19
N VAL B 175 -18.77 6.22 8.36
CA VAL B 175 -18.78 6.66 6.95
C VAL B 175 -19.90 6.00 6.15
N LEU B 176 -19.94 4.66 6.20
CA LEU B 176 -20.80 3.87 5.32
C LEU B 176 -22.25 3.83 5.72
N ASN B 177 -22.52 3.93 7.02
CA ASN B 177 -23.87 3.83 7.57
C ASN B 177 -24.44 5.18 7.96
N ASP B 178 -23.57 6.11 8.39
CA ASP B 178 -24.04 7.42 8.88
C ASP B 178 -23.75 8.56 7.89
N GLY B 179 -22.89 8.29 6.91
CA GLY B 179 -22.55 9.29 5.89
C GLY B 179 -21.54 10.33 6.36
N VAL B 180 -20.72 9.97 7.36
CA VAL B 180 -19.68 10.86 7.86
C VAL B 180 -18.56 10.95 6.82
N LYS B 181 -18.04 12.16 6.56
CA LYS B 181 -16.89 12.32 5.67
C LYS B 181 -15.63 11.78 6.37
N PRO B 182 -14.78 11.01 5.64
CA PRO B 182 -13.59 10.46 6.32
C PRO B 182 -12.74 11.51 7.06
N CYS B 183 -12.60 12.71 6.48
CA CYS B 183 -11.89 13.83 7.11
CA CYS B 183 -11.78 13.72 7.15
C CYS B 183 -12.43 14.31 8.41
N ASP B 184 -13.71 14.05 8.62
CA ASP B 184 -14.43 14.53 9.81
C ASP B 184 -14.45 13.47 10.91
N LEU B 185 -13.81 12.34 10.67
CA LEU B 185 -13.77 11.28 11.67
C LEU B 185 -12.87 11.66 12.83
N HIS B 186 -13.22 11.16 14.01
CA HIS B 186 -12.40 11.37 15.19
C HIS B 186 -11.62 10.09 15.49
N ALA B 187 -10.30 10.20 15.56
CA ALA B 187 -9.45 9.04 15.88
C ALA B 187 -8.77 9.24 17.23
N GLU B 188 -8.52 8.12 17.92
CA GLU B 188 -7.89 8.12 19.25
C GLU B 188 -6.59 7.32 19.32
N ILE B 189 -6.40 6.37 18.40
CA ILE B 189 -5.28 5.43 18.50
C ILE B 189 -4.34 5.55 17.29
N LEU B 190 -4.86 5.27 16.10
CA LEU B 190 -3.97 5.28 14.89
C LEU B 190 -3.56 6.70 14.52
N PRO B 191 -2.39 6.86 13.88
CA PRO B 191 -1.46 5.81 13.46
C PRO B 191 -0.68 5.12 14.58
N SER B 192 -0.43 5.83 15.69
CA SER B 192 0.40 5.28 16.77
C SER B 192 -0.15 5.72 18.12
N GLY B 193 -0.56 4.75 18.93
CA GLY B 193 -1.23 5.03 20.18
C GLY B 193 -0.48 6.00 21.06
N GLY B 194 0.85 5.85 21.11
CA GLY B 194 1.67 6.67 22.00
C GLY B 194 2.03 8.06 21.49
N ASP B 195 1.84 8.30 20.19
CA ASP B 195 2.24 9.56 19.59
C ASP B 195 1.22 10.68 19.87
N LYS B 196 1.54 11.89 19.47
CA LYS B 196 0.81 13.08 19.90
C LYS B 196 -0.51 13.32 19.18
N LYS B 197 -0.57 12.95 17.91
CA LYS B 197 -1.75 13.20 17.07
C LYS B 197 -2.27 11.91 16.47
N HIS B 198 -3.59 11.84 16.34
CA HIS B 198 -4.27 10.68 15.77
C HIS B 198 -5.08 11.04 14.54
N TYR B 199 -5.10 10.12 13.58
CA TYR B 199 -5.73 10.35 12.28
C TYR B 199 -6.65 9.18 11.90
N PRO B 200 -7.70 9.46 11.11
CA PRO B 200 -8.56 8.38 10.63
C PRO B 200 -7.80 7.44 9.71
N ILE B 201 -8.16 6.17 9.79
CA ILE B 201 -7.63 5.15 8.89
C ILE B 201 -8.66 4.78 7.81
N ALA B 202 -9.95 4.98 8.09
CA ALA B 202 -10.99 4.63 7.12
C ALA B 202 -10.76 5.34 5.81
N PHE B 203 -10.72 4.57 4.70
CA PHE B 203 -10.54 5.13 3.34
C PHE B 203 -9.27 5.96 3.22
N ASN B 204 -8.25 5.57 4.00
CA ASN B 204 -7.00 6.33 4.07
C ASN B 204 -5.81 5.39 3.98
N ALA B 205 -4.64 5.97 3.78
CA ALA B 205 -3.40 5.19 3.87
C ALA B 205 -2.42 6.04 4.66
N LEU B 206 -2.02 5.57 5.84
CA LEU B 206 -1.21 6.40 6.76
C LEU B 206 0.24 5.91 6.70
N PRO B 207 1.15 6.74 6.15
CA PRO B 207 2.58 6.35 6.04
C PRO B 207 3.33 6.58 7.36
N GLN B 208 2.76 6.08 8.45
CA GLN B 208 3.40 6.12 9.77
C GLN B 208 2.95 4.90 10.56
N ILE B 209 3.93 4.06 10.90
CA ILE B 209 3.74 2.99 11.88
C ILE B 209 4.81 3.15 12.94
N ASP B 210 4.39 3.10 14.21
CA ASP B 210 5.25 3.50 15.35
C ASP B 210 5.59 4.99 15.26
N VAL B 211 6.53 5.43 16.09
CA VAL B 211 6.90 6.85 16.13
C VAL B 211 8.11 7.11 15.25
N PHE B 212 8.39 8.38 14.96
CA PHE B 212 9.55 8.72 14.15
C PHE B 212 10.84 8.64 14.95
N THR B 213 11.88 8.15 14.30
CA THR B 213 13.22 8.21 14.85
C THR B 213 13.96 9.43 14.32
N ASP B 214 15.19 9.63 14.79
CA ASP B 214 15.93 10.84 14.45
C ASP B 214 16.47 10.92 13.02
N ASN B 215 16.32 9.84 12.24
CA ASN B 215 16.72 9.87 10.83
C ASN B 215 15.53 10.01 9.90
N ASP B 216 14.37 10.31 10.48
CA ASP B 216 13.12 10.54 9.72
C ASP B 216 12.46 9.27 9.16
N TYR B 217 13.06 8.11 9.41
CA TYR B 217 12.34 6.84 9.23
C TYR B 217 11.62 6.55 10.54
N THR B 218 10.51 5.82 10.48
CA THR B 218 9.82 5.45 11.72
C THR B 218 10.50 4.26 12.36
N TYR B 219 10.14 3.98 13.62
CA TYR B 219 10.71 2.81 14.30
C TYR B 219 10.33 1.51 13.61
N GLU B 220 9.15 1.46 12.99
CA GLU B 220 8.76 0.24 12.26
C GLU B 220 9.69 0.02 11.07
N GLU B 221 9.98 1.09 10.34
CA GLU B 221 10.88 0.99 9.19
C GLU B 221 12.27 0.57 9.63
N MET B 222 12.75 1.14 10.73
CA MET B 222 14.11 0.81 11.19
C MET B 222 14.19 -0.58 11.80
N LYS B 223 13.09 -1.07 12.37
CA LYS B 223 13.01 -2.45 12.85
C LYS B 223 13.16 -3.41 11.67
N MET B 224 12.50 -3.12 10.54
CA MET B 224 12.68 -3.99 9.38
C MET B 224 14.15 -4.05 8.96
N THR B 225 14.81 -2.90 9.00
CA THR B 225 16.22 -2.83 8.62
C THR B 225 17.11 -3.63 9.59
N LYS B 226 16.99 -3.32 10.87
CA LYS B 226 17.87 -3.91 11.88
C LYS B 226 17.57 -5.38 12.15
N GLU B 227 16.29 -5.75 12.13
CA GLU B 227 15.93 -7.15 12.37
C GLU B 227 16.35 -8.03 11.21
N THR B 228 16.21 -7.55 9.98
CA THR B 228 16.67 -8.33 8.81
C THR B 228 18.16 -8.67 8.95
N LYS B 229 18.96 -7.66 9.29
CA LYS B 229 20.41 -7.86 9.41
C LYS B 229 20.75 -8.89 10.49
N LYS B 230 20.04 -8.85 11.63
CA LYS B 230 20.30 -9.82 12.72
C LYS B 230 19.83 -11.23 12.38
N ILE B 231 18.62 -11.37 11.83
CA ILE B 231 18.06 -12.69 11.51
C ILE B 231 18.89 -13.38 10.43
N MET B 232 19.26 -12.63 9.39
CA MET B 232 20.07 -13.21 8.32
C MET B 232 21.57 -13.19 8.61
N GLU B 233 21.96 -12.69 9.79
CA GLU B 233 23.37 -12.69 10.22
C GLU B 233 24.28 -12.08 9.15
N ASP B 234 23.85 -10.93 8.65
CA ASP B 234 24.59 -10.24 7.59
C ASP B 234 24.29 -8.75 7.61
N ASP B 235 25.20 -7.99 8.23
CA ASP B 235 25.05 -6.55 8.36
C ASP B 235 25.23 -5.81 7.03
N SER B 236 25.67 -6.55 6.01
CA SER B 236 25.97 -5.94 4.71
C SER B 236 24.74 -5.81 3.82
N ILE B 237 23.63 -6.44 4.23
CA ILE B 237 22.40 -6.33 3.44
C ILE B 237 21.82 -4.94 3.66
N ALA B 238 21.73 -4.17 2.59
CA ALA B 238 21.13 -2.83 2.64
C ALA B 238 19.62 -3.01 2.66
N VAL B 239 18.95 -2.37 3.62
CA VAL B 239 17.49 -2.46 3.72
C VAL B 239 16.92 -1.09 4.03
N SER B 240 15.99 -0.62 3.19
CA SER B 240 15.24 0.59 3.51
C SER B 240 13.77 0.30 3.27
N ALA B 241 12.94 0.84 4.16
CA ALA B 241 11.50 0.51 4.19
C ALA B 241 10.64 1.75 4.27
N THR B 242 9.42 1.63 3.71
CA THR B 242 8.33 2.56 3.94
C THR B 242 7.18 1.75 4.47
N CYS B 243 6.72 2.06 5.69
CA CYS B 243 5.66 1.25 6.33
C CYS B 243 4.36 2.02 6.44
N VAL B 244 3.32 1.45 5.84
CA VAL B 244 2.06 2.20 5.65
C VAL B 244 0.92 1.38 6.21
N ARG B 245 0.05 2.01 7.00
CA ARG B 245 -1.15 1.35 7.47
C ARG B 245 -2.29 1.57 6.47
N ILE B 246 -3.00 0.50 6.14
CA ILE B 246 -4.15 0.62 5.25
C ILE B 246 -5.42 0.05 5.89
N PRO B 247 -6.61 0.25 5.28
CA PRO B 247 -7.85 -0.23 5.93
C PRO B 247 -8.10 -1.74 5.76
N VAL B 248 -7.29 -2.52 6.46
CA VAL B 248 -7.37 -3.99 6.48
C VAL B 248 -7.29 -4.39 7.94
N LEU B 249 -8.13 -5.33 8.40
CA LEU B 249 -8.08 -5.69 9.83
C LEU B 249 -6.95 -6.67 10.11
N SER B 250 -6.83 -7.71 9.27
CA SER B 250 -5.79 -8.73 9.42
C SER B 250 -5.15 -9.07 8.09
N ALA B 251 -3.85 -9.35 8.19
CA ALA B 251 -2.88 -9.76 7.13
C ALA B 251 -2.17 -8.57 6.52
N HIS B 252 -0.83 -8.59 6.65
CA HIS B 252 0.03 -7.58 6.02
C HIS B 252 0.42 -8.02 4.62
N SER B 253 0.49 -7.06 3.71
CA SER B 253 1.01 -7.30 2.36
C SER B 253 2.25 -6.44 2.18
N GLU B 254 3.20 -6.90 1.36
CA GLU B 254 4.44 -6.15 1.12
C GLU B 254 4.82 -6.19 -0.34
N SER B 255 5.16 -5.02 -0.88
CA SER B 255 5.79 -4.92 -2.20
C SER B 255 7.28 -4.93 -1.92
N VAL B 256 7.95 -6.00 -2.31
CA VAL B 256 9.35 -6.24 -1.95
C VAL B 256 10.20 -6.20 -3.21
N TYR B 257 11.22 -5.35 -3.20
CA TYR B 257 12.23 -5.32 -4.25
C TYR B 257 13.54 -5.78 -3.66
N ILE B 258 14.20 -6.69 -4.35
CA ILE B 258 15.56 -7.10 -3.94
C ILE B 258 16.51 -6.99 -5.10
N GLU B 259 17.80 -6.87 -4.78
CA GLU B 259 18.85 -7.19 -5.74
C GLU B 259 19.67 -8.32 -5.14
N THR B 260 19.82 -9.40 -5.91
CA THR B 260 20.59 -10.57 -5.46
C THR B 260 22.07 -10.35 -5.74
N LYS B 261 22.91 -11.26 -5.25
CA LYS B 261 24.35 -11.19 -5.56
C LYS B 261 24.66 -11.81 -6.93
N GLU B 262 23.97 -12.91 -7.24
CA GLU B 262 24.10 -13.60 -8.53
C GLU B 262 22.75 -13.49 -9.21
N VAL B 263 22.73 -13.49 -10.53
CA VAL B 263 21.45 -13.44 -11.27
C VAL B 263 20.62 -14.67 -10.91
N ALA B 264 19.36 -14.43 -10.53
CA ALA B 264 18.49 -15.47 -10.03
C ALA B 264 17.33 -15.58 -11.01
N PRO B 265 17.34 -16.62 -11.90
CA PRO B 265 16.27 -16.74 -12.89
C PRO B 265 14.91 -16.83 -12.21
N ILE B 266 13.95 -16.07 -12.71
CA ILE B 266 12.65 -16.01 -12.02
C ILE B 266 12.02 -17.39 -11.85
N GLU B 267 12.12 -18.26 -12.86
CA GLU B 267 11.47 -19.56 -12.73
C GLU B 267 12.13 -20.39 -11.62
N GLU B 268 13.43 -20.20 -11.44
CA GLU B 268 14.15 -20.87 -10.36
C GLU B 268 13.81 -20.25 -9.00
N VAL B 269 13.65 -18.92 -8.97
CA VAL B 269 13.23 -18.23 -7.74
C VAL B 269 11.86 -18.73 -7.27
N LYS B 270 10.91 -18.86 -8.20
CA LYS B 270 9.58 -19.37 -7.87
C LYS B 270 9.68 -20.76 -7.26
N ALA B 271 10.49 -21.62 -7.88
CA ALA B 271 10.67 -22.98 -7.37
C ALA B 271 11.34 -23.01 -5.99
N ALA B 272 12.31 -22.13 -5.76
CA ALA B 272 13.00 -22.11 -4.45
C ALA B 272 12.07 -21.66 -3.33
N ILE B 273 11.21 -20.70 -3.64
CA ILE B 273 10.29 -20.20 -2.64
C ILE B 273 9.23 -21.28 -2.37
N ALA B 274 8.70 -21.87 -3.43
CA ALA B 274 7.72 -22.95 -3.24
C ALA B 274 8.23 -24.07 -2.32
N ALA B 275 9.52 -24.40 -2.50
CA ALA B 275 10.15 -25.49 -1.76
C ALA B 275 10.51 -25.16 -0.34
N PHE B 276 10.39 -23.89 0.04
CA PHE B 276 10.88 -23.44 1.36
C PHE B 276 9.80 -23.62 2.41
N PRO B 277 10.12 -24.26 3.56
CA PRO B 277 9.07 -24.46 4.58
C PRO B 277 8.46 -23.13 5.03
N GLY B 278 7.12 -23.09 5.11
CA GLY B 278 6.42 -21.90 5.59
C GLY B 278 6.08 -20.91 4.48
N ALA B 279 6.65 -21.10 3.29
CA ALA B 279 6.37 -20.24 2.15
C ALA B 279 5.54 -21.01 1.12
N VAL B 280 4.50 -20.36 0.61
CA VAL B 280 3.69 -20.97 -0.44
C VAL B 280 3.69 -20.06 -1.65
N LEU B 281 4.04 -20.63 -2.82
CA LEU B 281 3.99 -19.87 -4.06
C LEU B 281 2.53 -19.77 -4.54
N GLU B 282 2.04 -18.54 -4.67
CA GLU B 282 0.74 -18.26 -5.29
C GLU B 282 1.03 -17.30 -6.42
N ASP B 283 1.35 -17.86 -7.59
CA ASP B 283 1.86 -17.03 -8.68
C ASP B 283 1.53 -17.68 -10.01
N ASP B 284 0.41 -17.26 -10.58
CA ASP B 284 -0.03 -17.77 -11.87
C ASP B 284 -0.86 -16.65 -12.47
N VAL B 285 -0.15 -15.71 -13.10
CA VAL B 285 -0.83 -14.50 -13.55
C VAL B 285 -1.80 -14.74 -14.70
N ALA B 286 -1.58 -15.82 -15.45
CA ALA B 286 -2.51 -16.18 -16.52
C ALA B 286 -3.91 -16.46 -15.97
N HIS B 287 -3.98 -16.81 -14.68
CA HIS B 287 -5.27 -17.03 -14.00
C HIS B 287 -5.45 -16.08 -12.85
N GLN B 288 -4.76 -14.94 -12.91
CA GLN B 288 -4.86 -13.89 -11.90
C GLN B 288 -4.68 -14.42 -10.47
N ILE B 289 -3.70 -15.31 -10.31
CA ILE B 289 -3.36 -15.84 -9.00
C ILE B 289 -2.17 -15.09 -8.40
N TYR B 290 -2.41 -14.50 -7.24
CA TYR B 290 -1.38 -13.81 -6.45
C TYR B 290 -1.83 -13.82 -5.00
N PRO B 291 -0.89 -13.60 -4.06
CA PRO B 291 -1.34 -13.53 -2.65
C PRO B 291 -2.33 -12.39 -2.39
N GLN B 292 -3.27 -12.66 -1.49
CA GLN B 292 -4.27 -11.63 -1.09
C GLN B 292 -4.49 -11.72 0.39
N ALA B 293 -4.48 -10.55 1.03
CA ALA B 293 -4.70 -10.46 2.47
C ALA B 293 -5.92 -11.28 2.92
N ILE B 294 -7.06 -11.13 2.22
CA ILE B 294 -8.29 -11.82 2.66
C ILE B 294 -8.18 -13.34 2.59
N ASN B 295 -7.33 -13.85 1.71
CA ASN B 295 -7.13 -15.30 1.59
C ASN B 295 -6.12 -15.82 2.61
N ALA B 296 -5.19 -14.97 3.03
CA ALA B 296 -4.12 -15.36 3.94
C ALA B 296 -4.62 -15.45 5.40
N VAL B 297 -5.67 -14.70 5.71
CA VAL B 297 -6.21 -14.71 7.07
C VAL B 297 -6.52 -16.14 7.49
N GLY B 298 -6.01 -16.50 8.67
CA GLY B 298 -6.27 -17.80 9.27
C GLY B 298 -5.27 -18.88 8.94
N SER B 299 -4.33 -18.60 8.04
CA SER B 299 -3.30 -19.57 7.65
C SER B 299 -1.97 -19.19 8.28
N ARG B 300 -1.21 -20.21 8.70
CA ARG B 300 0.14 -20.04 9.23
C ARG B 300 1.16 -19.81 8.12
N ASP B 301 0.80 -20.05 6.85
CA ASP B 301 1.75 -19.91 5.76
C ASP B 301 1.97 -18.45 5.36
N THR B 302 3.07 -18.22 4.64
CA THR B 302 3.36 -16.93 4.04
C THR B 302 3.26 -17.14 2.53
N PHE B 303 2.53 -16.24 1.87
CA PHE B 303 2.20 -16.42 0.45
C PHE B 303 2.96 -15.42 -0.40
N VAL B 304 3.56 -15.92 -1.48
CA VAL B 304 4.43 -15.10 -2.34
C VAL B 304 4.03 -15.22 -3.80
N GLY B 305 3.92 -14.08 -4.46
CA GLY B 305 3.65 -14.05 -5.91
C GLY B 305 4.05 -12.75 -6.54
N ARG B 306 3.44 -12.43 -7.68
CA ARG B 306 3.86 -11.30 -8.55
C ARG B 306 5.37 -11.30 -8.77
N ILE B 307 6.00 -12.47 -8.80
CA ILE B 307 7.46 -12.52 -8.88
C ILE B 307 7.90 -12.21 -10.30
N ARG B 308 8.79 -11.24 -10.44
CA ARG B 308 9.18 -10.80 -11.77
C ARG B 308 10.49 -10.04 -11.69
N LYS B 309 11.26 -10.07 -12.77
CA LYS B 309 12.52 -9.34 -12.80
C LYS B 309 12.28 -7.84 -13.00
N ASP B 310 13.15 -7.05 -12.41
CA ASP B 310 13.14 -5.61 -12.68
C ASP B 310 13.28 -5.36 -14.18
N LEU B 311 12.68 -4.26 -14.67
CA LEU B 311 12.76 -3.95 -16.09
C LEU B 311 14.14 -3.49 -16.56
N ASP B 312 15.02 -3.13 -15.62
CA ASP B 312 16.34 -2.60 -15.98
C ASP B 312 17.55 -3.18 -15.23
N ALA B 313 17.39 -3.34 -13.92
CA ALA B 313 18.48 -3.87 -13.08
C ALA B 313 18.57 -5.38 -13.24
N GLU B 314 19.70 -5.83 -13.77
CA GLU B 314 19.92 -7.23 -14.09
C GLU B 314 19.61 -8.18 -12.92
N LYS B 315 19.99 -7.79 -11.71
CA LYS B 315 19.82 -8.61 -10.51
C LYS B 315 18.61 -8.22 -9.66
N GLY B 316 17.78 -7.31 -10.17
CA GLY B 316 16.60 -6.88 -9.43
C GLY B 316 15.41 -7.78 -9.62
N ILE B 317 14.67 -8.00 -8.54
CA ILE B 317 13.46 -8.84 -8.54
C ILE B 317 12.40 -8.16 -7.68
N HIS B 318 11.15 -8.16 -8.16
CA HIS B 318 10.01 -7.64 -7.43
C HIS B 318 9.10 -8.79 -7.07
N MET B 319 8.46 -8.68 -5.92
CA MET B 319 7.47 -9.67 -5.51
C MET B 319 6.45 -9.08 -4.55
N TRP B 320 5.43 -9.87 -4.24
CA TRP B 320 4.33 -9.48 -3.35
C TRP B 320 4.21 -10.57 -2.30
N VAL B 321 4.31 -10.20 -1.02
CA VAL B 321 4.38 -11.15 0.10
C VAL B 321 3.26 -10.83 1.07
N VAL B 322 2.46 -11.84 1.43
CA VAL B 322 1.32 -11.65 2.32
C VAL B 322 1.31 -12.72 3.41
N SER B 323 1.06 -12.31 4.66
CA SER B 323 0.82 -13.28 5.73
C SER B 323 -0.11 -12.69 6.78
N ASP B 324 -0.82 -13.56 7.48
CA ASP B 324 -1.63 -13.13 8.62
C ASP B 324 -0.71 -12.61 9.72
N ASN B 325 -0.84 -11.32 10.01
CA ASN B 325 0.07 -10.66 10.95
C ASN B 325 -0.08 -11.11 12.39
N LEU B 326 -1.21 -11.72 12.74
CA LEU B 326 -1.39 -12.25 14.09
C LEU B 326 -0.95 -13.70 14.21
N LEU B 327 -0.80 -14.38 13.06
CA LEU B 327 -0.38 -15.80 13.05
C LEU B 327 1.12 -15.89 12.80
N LYS B 328 1.57 -16.06 11.56
CA LYS B 328 3.03 -16.08 11.35
C LYS B 328 3.68 -14.78 11.83
N GLY B 329 2.95 -13.66 11.77
CA GLY B 329 3.47 -12.39 12.22
C GLY B 329 3.61 -12.28 13.72
N ALA B 330 2.99 -13.19 14.48
CA ALA B 330 3.04 -13.07 15.95
C ALA B 330 2.83 -14.41 16.67
N ALA B 331 1.57 -14.82 16.85
CA ALA B 331 1.26 -15.95 17.71
C ALA B 331 1.75 -17.28 17.19
N TRP B 332 1.63 -17.50 15.87
CA TRP B 332 2.17 -18.74 15.31
C TRP B 332 3.69 -18.75 15.34
N ASN B 333 4.34 -17.64 15.02
CA ASN B 333 5.79 -17.64 15.16
C ASN B 333 6.21 -18.00 16.59
N SER B 334 5.49 -17.46 17.57
CA SER B 334 5.82 -17.73 18.98
C SER B 334 5.60 -19.20 19.35
N VAL B 335 4.44 -19.75 18.99
CA VAL B 335 4.15 -21.16 19.30
C VAL B 335 5.10 -22.10 18.54
N GLN B 336 5.43 -21.74 17.31
CA GLN B 336 6.38 -22.52 16.53
C GLN B 336 7.75 -22.51 17.22
N ILE B 337 8.17 -21.35 17.72
CA ILE B 337 9.42 -21.28 18.48
C ILE B 337 9.32 -22.20 19.70
N ALA B 338 8.21 -22.14 20.45
CA ALA B 338 8.03 -23.03 21.62
C ALA B 338 8.12 -24.52 21.25
N GLU B 339 7.49 -24.90 20.14
CA GLU B 339 7.57 -26.27 19.65
C GLU B 339 8.99 -26.64 19.27
N THR B 340 9.72 -25.67 18.71
CA THR B 340 11.09 -25.94 18.28
C THR B 340 11.97 -26.10 19.51
N LEU B 341 11.76 -25.25 20.52
CA LEU B 341 12.46 -25.42 21.81
C LEU B 341 12.21 -26.80 22.41
N HIS B 342 10.96 -27.25 22.38
CA HIS B 342 10.63 -28.59 22.87
C HIS B 342 11.40 -29.66 22.09
N GLU B 343 11.36 -29.59 20.75
CA GLU B 343 11.98 -30.60 19.86
C GLU B 343 13.46 -30.72 20.18
N ARG B 344 14.08 -29.59 20.55
CA ARG B 344 15.54 -29.52 20.74
C ARG B 344 15.97 -29.67 22.19
N GLY B 345 15.02 -29.94 23.09
CA GLY B 345 15.31 -30.16 24.51
C GLY B 345 15.75 -28.88 25.21
N LEU B 346 15.26 -27.73 24.72
CA LEU B 346 15.74 -26.42 25.18
C LEU B 346 14.81 -25.74 26.16
N VAL B 347 13.75 -26.44 26.58
CA VAL B 347 12.84 -25.90 27.60
C VAL B 347 13.33 -26.29 28.99
N ARG B 348 14.12 -25.40 29.57
CA ARG B 348 14.68 -25.62 30.91
C ARG B 348 15.24 -24.30 31.43
N PRO B 349 15.42 -24.20 32.75
CA PRO B 349 15.87 -22.94 33.33
C PRO B 349 17.26 -22.54 32.86
N THR B 350 17.51 -21.24 32.85
CA THR B 350 18.81 -20.66 32.57
C THR B 350 19.44 -20.27 33.92
N ALA B 351 20.63 -20.81 34.19
CA ALA B 351 21.32 -20.58 35.46
C ALA B 351 21.77 -19.13 35.63
N GLU B 352 22.37 -18.57 34.58
CA GLU B 352 22.94 -17.22 34.68
C GLU B 352 21.96 -16.18 34.14
N LEU B 353 21.57 -15.24 34.99
CA LEU B 353 20.66 -14.15 34.60
C LEU B 353 21.44 -13.08 33.84
N LYS B 354 21.00 -12.78 32.63
CA LYS B 354 21.70 -11.81 31.79
C LYS B 354 20.85 -10.56 31.54
N PHE B 355 19.71 -10.47 32.23
CA PHE B 355 18.76 -9.36 32.04
C PHE B 355 18.50 -8.63 33.33
N GLU B 356 18.67 -7.30 33.29
CA GLU B 356 18.36 -6.42 34.41
C GLU B 356 16.95 -6.58 34.97
N LEU B 357 16.86 -6.66 36.30
CA LEU B 357 15.57 -6.62 36.98
C LEU B 357 15.16 -5.17 37.19
N LYS B 358 13.91 -4.84 36.85
CA LYS B 358 13.47 -3.44 36.81
C LYS B 358 12.58 -3.06 37.98
N LEU B 359 12.27 -4.01 38.85
CA LEU B 359 11.30 -3.77 39.93
C LEU B 359 11.89 -3.95 41.33
N GLU B 360 13.20 -3.75 41.44
CA GLU B 360 13.85 -3.91 42.72
C GLU B 360 13.72 -2.60 43.51
O2' 25A C . -16.15 4.46 -15.99
P1 25A C . -17.47 5.03 -15.52
OBP 25A C . -17.36 5.87 -14.27
OCP 25A C . -18.59 4.03 -15.51
OF' 25A C . -17.88 6.04 -16.71
CF' 25A C . -17.93 5.59 -18.06
CE' 25A C . -18.49 6.70 -18.93
OE' 25A C . -18.32 6.29 -20.28
CB' 25A C . -19.56 6.46 -20.98
N19 25A C . -19.66 5.51 -22.10
C18 25A C . -19.55 4.17 -22.06
N17 25A C . -19.73 3.68 -23.31
C15 25A C . -19.93 4.74 -24.12
C14 25A C . -19.89 5.89 -23.35
N13 25A C . -20.05 7.11 -23.92
C12 25A C . -20.27 7.20 -25.24
N11 25A C . -20.32 6.10 -26.02
C16 25A C . -20.16 4.85 -25.49
N16 25A C . -20.21 3.76 -26.28
CC' 25A C . -20.61 6.16 -19.91
OC' 25A C . -21.89 6.66 -20.30
CD' 25A C . -19.99 6.93 -18.74
OD' 25A C . -20.25 8.34 -18.91
P2 25A C . -23.30 5.94 -19.92
OLP 25A C . -23.59 6.51 -18.55
OMP 25A C . -23.07 4.44 -19.93
OP' 25A C . -24.23 6.44 -21.01
OAA L14 D . -8.47 1.46 -12.90
OAB L14 D . -5.04 4.13 -18.40
OAC L14 D . -7.57 3.05 -11.64
OAD L14 D . -6.16 5.83 -17.54
CAE L14 D . -8.38 3.07 -15.17
CAF L14 D . -7.88 3.91 -16.34
CAG L14 D . -6.07 3.16 -14.13
CAH L14 D . -5.56 3.98 -15.30
CAI L14 D . -7.90 2.57 -12.74
CAJ L14 D . -5.83 4.62 -17.57
CAK L14 D . -7.56 3.41 -13.92
CAL L14 D . -6.38 3.68 -16.55
C1 EDO E . -7.81 27.11 -12.46
O1 EDO E . -7.12 27.51 -13.66
C2 EDO E . -9.32 27.16 -12.65
O2 EDO E . -9.70 26.10 -13.54
C1 EDO F . -13.66 13.81 -5.46
O1 EDO F . -12.88 15.00 -5.44
C2 EDO F . -13.30 13.02 -6.71
O2 EDO F . -12.22 12.12 -6.39
C1 EDO G . 23.56 0.14 7.09
O1 EDO G . 23.30 -0.81 6.04
C2 EDO G . 22.45 1.19 7.15
O2 EDO G . 21.31 0.69 7.89
C1 EDO H . -4.98 22.62 2.27
O1 EDO H . -6.29 22.96 2.74
C2 EDO H . -5.03 21.34 1.43
O2 EDO H . -5.36 20.18 2.21
NA NA I . 4.54 24.12 -5.26
O2' 25A J . -2.77 -4.35 22.32
P1 25A J . -3.92 -5.26 22.66
OBP 25A J . -4.45 -6.12 21.55
OCP 25A J . -5.03 -4.48 23.35
OF' 25A J . -3.41 -6.22 23.83
CF' 25A J . -2.65 -5.72 24.91
CE' 25A J . -2.50 -6.85 25.92
OE' 25A J . -1.50 -6.47 26.87
CB' 25A J . -2.00 -6.62 28.18
N19 25A J . -1.37 -5.64 29.09
C18 25A J . -1.41 -4.28 29.01
N17 25A J . -0.76 -3.77 30.07
C15 25A J . -0.33 -4.80 30.84
C14 25A J . -0.73 -5.98 30.20
N13 25A J . -0.43 -7.19 30.72
C12 25A J . 0.24 -7.26 31.88
N11 25A J . 0.65 -6.15 32.52
C16 25A J . 0.40 -4.92 32.03
N16 25A J . 0.82 -3.82 32.74
CC' 25A J . -3.49 -6.35 28.01
OC' 25A J . -4.23 -6.85 29.14
CD' 25A J . -3.77 -7.11 26.72
OD' 25A J . -3.85 -8.52 26.98
P2 25A J . -5.60 -6.18 29.66
OLP 25A J . -6.73 -6.85 28.92
OMP 25A J . -5.58 -4.69 29.35
OP' 25A J . -5.58 -6.46 31.15
OAA L14 K . 1.50 -1.47 15.08
OAB L14 K . 7.69 -4.09 17.17
OAC L14 K . 1.32 -2.99 13.48
OAD L14 K . 6.23 -5.75 17.08
CAE L14 K . 3.08 -3.02 16.67
CAF L14 K . 4.24 -3.81 17.25
CAG L14 K . 4.12 -3.14 14.39
CAH L14 K . 5.30 -3.94 14.98
CAI L14 K . 1.81 -2.55 14.55
CAJ L14 K . 6.55 -4.55 16.94
CAK L14 K . 2.86 -3.40 15.20
CAL L14 K . 5.52 -3.59 16.45
C1 EDO L . 1.98 -27.23 14.09
O1 EDO L . 3.28 -27.61 14.60
C2 EDO L . 0.92 -27.26 15.19
O2 EDO L . 1.14 -26.21 16.15
C1 EDO M . -6.19 -13.14 13.14
O1 EDO M . -5.49 -12.27 12.23
C2 EDO M . -7.20 -14.03 12.42
O2 EDO M . -6.56 -15.19 11.84
C1 EDO N . -4.79 -22.45 1.77
O1 EDO N . -6.00 -22.99 1.21
C2 EDO N . -4.42 -21.16 1.06
O2 EDO N . -5.49 -20.22 1.14
C1 EDO O . 13.85 0.19 -20.59
O1 EDO O . 14.32 1.14 -19.61
C2 EDO O . 12.95 -0.86 -19.95
O2 EDO O . 11.61 -0.36 -19.80
NA NA P . 24.81 -5.41 0.32
#